data_6KDB
#
_entry.id   6KDB
#
_cell.length_a   194.827
_cell.length_b   194.827
_cell.length_c   49.844
_cell.angle_alpha   90.000
_cell.angle_beta   90.000
_cell.angle_gamma   120.000
#
_symmetry.space_group_name_H-M   'P 31'
#
loop_
_entity.id
_entity.type
_entity.pdbx_description
1 polymer 'DNA (cytosine-5)-methyltransferase 3B'
2 polymer 'DNA (cytosine-5)-methyltransferase 3-like'
3 polymer 'DNA (25-MER)'
4 non-polymer S-ADENOSYL-L-HOMOCYSTEINE
5 water water
#
loop_
_entity_poly.entity_id
_entity_poly.type
_entity_poly.pdbx_seq_one_letter_code
_entity_poly.pdbx_strand_id
1 'polypeptide(L)'
;GHMRRRPIRVLSLFDGIATGYLVLKELGIKVGKYVASEVCEESIAVGTVKHEGNIKYVNDVRNITKKNIEEWGPFDLVIG
GSPCNDLSNVNPARKGLYEGTGRLFFEFYHLLNYSRPKEGDDRPFFWMFENVVAMKVGDKRDISRFLECNPVMIDAIKVS
AAHRARYFWGNLPGMNRPVIASKNDKLELQDCLEYNRIAKLKKVQTITTKSNSIKQGKNQLFPVVMNGKEDVLWCTELER
IFGFPVHYTDVSNMGRGARQKLLGRSWSVPVIRHLFAPLKDYFACE
;
A,D
2 'polypeptide(L)'
;GHMFETVPVWRRQPVRVLSLFEDIKKELTSLGFLESGSDPGQLKHVVDVTDTVRKDVEEWGPFDLVYGATPPLGHTCDRP
PSWYLFQFHRLLQYARPKPGSPRPFFWMFVDNLVLNKEDLDVASRFLEMEPVTIPDVHGGSLQNAVRVWSNIPAIRSRHW
ALVSEEELSLLAQNKQSSKLAAKWPTKLVKNCFLPLREYFKYFS
;
B,C
3 'polydeoxyribonucleotide'
;(DG)(DC)(DA)(DT)(DG)(DC)(DG)(DT)(DT)(DC)(DT)(DA)(DA)(DT)(DT)(DA)(DG)(DA)(DA)(DC)
(DG)(DC)(DA)(DT)(DG)
;
E,F
#
# COMPACT_ATOMS: atom_id res chain seq x y z
N MET A 3 -40.01 13.81 23.20
CA MET A 3 -39.22 14.89 22.59
C MET A 3 -37.74 14.53 22.57
N ARG A 4 -37.39 13.36 23.05
CA ARG A 4 -36.02 12.91 23.08
C ARG A 4 -35.61 12.51 21.71
N ARG A 5 -34.31 12.39 21.51
CA ARG A 5 -33.79 12.03 20.22
C ARG A 5 -33.26 10.65 20.18
N ARG A 6 -33.34 10.01 19.03
CA ARG A 6 -32.88 8.65 18.90
C ARG A 6 -31.71 8.63 17.93
N PRO A 7 -31.00 7.51 17.76
CA PRO A 7 -29.90 7.49 16.77
C PRO A 7 -30.48 7.50 15.36
N ILE A 8 -29.65 7.95 14.44
CA ILE A 8 -30.09 8.11 13.06
C ILE A 8 -30.03 6.77 12.34
N ARG A 9 -31.04 6.50 11.50
CA ARG A 9 -31.10 5.28 10.69
C ARG A 9 -30.91 5.64 9.23
N VAL A 10 -29.90 5.05 8.58
CA VAL A 10 -29.39 5.55 7.31
C VAL A 10 -29.47 4.47 6.24
N LEU A 11 -29.99 4.83 5.08
CA LEU A 11 -29.83 4.07 3.86
C LEU A 11 -28.82 4.79 2.97
N SER A 12 -27.77 4.09 2.56
CA SER A 12 -26.72 4.71 1.76
C SER A 12 -26.49 3.85 0.52
N LEU A 13 -26.90 4.37 -0.64
CA LEU A 13 -26.78 3.68 -1.91
C LEU A 13 -25.51 4.15 -2.61
N PHE A 14 -24.83 3.22 -3.26
CA PHE A 14 -23.52 3.51 -3.87
C PHE A 14 -22.55 4.00 -2.81
N ASP A 15 -22.46 3.23 -1.73
CA ASP A 15 -21.82 3.75 -0.52
C ASP A 15 -20.33 4.00 -0.70
N GLY A 16 -19.66 3.28 -1.60
CA GLY A 16 -18.23 3.51 -1.77
C GLY A 16 -17.44 3.09 -0.53
N ILE A 17 -16.61 4.00 0.00
CA ILE A 17 -15.77 3.64 1.14
C ILE A 17 -16.39 4.20 2.41
N ALA A 18 -17.72 4.22 2.46
CA ALA A 18 -18.43 4.49 3.71
C ALA A 18 -18.21 5.91 4.23
N THR A 19 -17.84 6.86 3.37
CA THR A 19 -17.70 8.26 3.78
C THR A 19 -18.89 8.74 4.61
N GLY A 20 -20.12 8.39 4.17
CA GLY A 20 -21.31 8.79 4.92
C GLY A 20 -21.25 8.40 6.38
N TYR A 21 -20.97 7.13 6.66
CA TYR A 21 -20.83 6.68 8.03
C TYR A 21 -19.69 7.42 8.73
N LEU A 22 -18.55 7.54 8.07
CA LEU A 22 -17.41 8.20 8.70
C LEU A 22 -17.78 9.61 9.13
N VAL A 23 -18.44 10.37 8.24
CA VAL A 23 -18.76 11.75 8.56
C VAL A 23 -19.71 11.80 9.74
N LEU A 24 -20.70 10.93 9.76
CA LEU A 24 -21.66 10.94 10.87
C LEU A 24 -20.96 10.67 12.20
N LYS A 25 -20.11 9.64 12.24
CA LYS A 25 -19.39 9.34 13.47
C LYS A 25 -18.45 10.48 13.87
N GLU A 26 -17.86 11.16 12.90
CA GLU A 26 -17.01 12.29 13.24
C GLU A 26 -17.81 13.45 13.81
N LEU A 27 -19.10 13.53 13.53
CA LEU A 27 -19.94 14.60 14.07
C LEU A 27 -20.50 14.26 15.45
N GLY A 28 -20.28 13.03 15.93
CA GLY A 28 -20.84 12.66 17.21
C GLY A 28 -22.29 12.23 17.16
N ILE A 29 -22.83 12.00 15.98
CA ILE A 29 -24.20 11.53 15.87
C ILE A 29 -24.24 10.04 16.14
N LYS A 30 -25.11 9.60 17.06
CA LYS A 30 -25.32 8.19 17.28
C LYS A 30 -25.97 7.56 16.05
N VAL A 31 -25.34 6.54 15.51
CA VAL A 31 -25.80 5.88 14.29
C VAL A 31 -26.40 4.54 14.71
N GLY A 32 -27.71 4.41 14.59
CA GLY A 32 -28.39 3.20 14.98
C GLY A 32 -28.37 2.10 13.93
N LYS A 33 -28.52 2.49 12.66
CA LYS A 33 -28.46 1.54 11.55
C LYS A 33 -27.89 2.22 10.33
N TYR A 34 -26.98 1.54 9.64
CA TYR A 34 -26.39 2.05 8.41
C TYR A 34 -26.40 0.90 7.39
N VAL A 35 -27.36 0.97 6.46
CA VAL A 35 -27.54 -0.02 5.42
C VAL A 35 -26.91 0.53 4.15
N ALA A 36 -25.92 -0.18 3.62
CA ALA A 36 -25.11 0.29 2.51
C ALA A 36 -25.25 -0.67 1.35
N SER A 37 -25.53 -0.12 0.17
CA SER A 37 -25.60 -0.88 -1.06
C SER A 37 -24.34 -0.59 -1.88
N GLU A 38 -23.55 -1.62 -2.14
CA GLU A 38 -22.26 -1.44 -2.77
C GLU A 38 -21.85 -2.77 -3.35
N VAL A 39 -21.12 -2.72 -4.47
CA VAL A 39 -20.85 -3.94 -5.24
C VAL A 39 -19.34 -4.19 -5.31
N CYS A 40 -18.53 -3.16 -5.10
CA CYS A 40 -17.10 -3.35 -5.29
C CYS A 40 -16.52 -4.00 -4.04
N GLU A 41 -15.79 -5.09 -4.21
CA GLU A 41 -15.38 -5.86 -3.04
C GLU A 41 -14.40 -5.09 -2.18
N GLU A 42 -13.51 -4.30 -2.79
CA GLU A 42 -12.52 -3.61 -1.98
C GLU A 42 -13.11 -2.42 -1.28
N SER A 43 -14.10 -1.74 -1.88
CA SER A 43 -14.81 -0.72 -1.11
C SER A 43 -15.45 -1.34 0.12
N ILE A 44 -16.17 -2.46 -0.07
CA ILE A 44 -16.81 -3.13 1.05
C ILE A 44 -15.77 -3.52 2.11
N ALA A 45 -14.60 -4.03 1.69
CA ALA A 45 -13.58 -4.33 2.69
C ALA A 45 -13.21 -3.09 3.50
N VAL A 46 -13.10 -1.92 2.87
CA VAL A 46 -12.71 -0.72 3.61
C VAL A 46 -13.76 -0.42 4.68
N GLY A 47 -15.02 -0.30 4.26
CA GLY A 47 -16.07 0.03 5.21
C GLY A 47 -16.18 -1.00 6.31
N THR A 48 -16.09 -2.29 5.97
CA THR A 48 -16.13 -3.37 6.95
C THR A 48 -15.05 -3.21 8.03
N VAL A 49 -13.78 -3.18 7.61
CA VAL A 49 -12.65 -3.15 8.53
C VAL A 49 -12.61 -1.82 9.30
N LYS A 50 -12.80 -0.70 8.58
CA LYS A 50 -12.62 0.57 9.26
C LYS A 50 -13.75 0.90 10.21
N HIS A 51 -14.88 0.17 10.14
CA HIS A 51 -16.02 0.43 11.00
C HIS A 51 -16.49 -0.84 11.73
N GLU A 52 -15.62 -1.85 11.78
CA GLU A 52 -15.76 -2.99 12.67
C GLU A 52 -17.16 -3.60 12.63
N GLY A 53 -17.73 -3.68 11.43
CA GLY A 53 -18.98 -4.42 11.27
C GLY A 53 -20.25 -3.66 11.60
N ASN A 54 -20.17 -2.35 11.83
CA ASN A 54 -21.40 -1.61 12.08
C ASN A 54 -22.24 -1.42 10.81
N ILE A 55 -21.65 -1.58 9.63
CA ILE A 55 -22.34 -1.32 8.36
C ILE A 55 -22.97 -2.62 7.87
N LYS A 56 -24.26 -2.57 7.54
CA LYS A 56 -24.97 -3.72 6.98
C LYS A 56 -24.92 -3.58 5.46
N TYR A 57 -24.19 -4.47 4.81
CA TYR A 57 -24.03 -4.43 3.37
C TYR A 57 -25.12 -5.25 2.71
N VAL A 58 -25.66 -4.76 1.58
CA VAL A 58 -26.82 -5.43 1.01
C VAL A 58 -26.64 -5.61 -0.50
N ASN A 59 -25.45 -5.30 -0.99
CA ASN A 59 -25.03 -5.60 -2.36
C ASN A 59 -25.77 -4.75 -3.39
N ASP A 60 -26.15 -5.34 -4.53
CA ASP A 60 -26.56 -4.57 -5.69
C ASP A 60 -27.85 -3.79 -5.42
N VAL A 61 -27.78 -2.47 -5.65
CA VAL A 61 -28.95 -1.62 -5.44
C VAL A 61 -30.15 -2.13 -6.22
N ARG A 62 -29.92 -2.75 -7.37
CA ARG A 62 -31.06 -3.14 -8.19
C ARG A 62 -31.79 -4.37 -7.66
N ASN A 63 -31.28 -5.01 -6.60
CA ASN A 63 -31.95 -6.15 -5.97
C ASN A 63 -32.64 -5.82 -4.67
N ILE A 64 -32.59 -4.55 -4.23
CA ILE A 64 -33.37 -4.10 -3.07
C ILE A 64 -34.83 -4.00 -3.45
N THR A 65 -35.68 -4.63 -2.64
CA THR A 65 -37.11 -4.72 -2.94
C THR A 65 -37.91 -3.74 -2.08
N LYS A 66 -39.17 -3.54 -2.49
CA LYS A 66 -40.02 -2.69 -1.68
C LYS A 66 -40.14 -3.24 -0.26
N LYS A 67 -40.21 -4.58 -0.13
CA LYS A 67 -40.30 -5.15 1.21
C LYS A 67 -38.98 -4.99 1.96
N ASN A 68 -37.84 -5.05 1.25
CA ASN A 68 -36.54 -4.78 1.88
C ASN A 68 -36.54 -3.42 2.58
N ILE A 69 -37.01 -2.39 1.87
CA ILE A 69 -37.08 -1.05 2.44
C ILE A 69 -38.02 -1.03 3.63
N GLU A 70 -39.11 -1.81 3.58
CA GLU A 70 -40.00 -1.90 4.73
C GLU A 70 -39.28 -2.57 5.90
N GLU A 71 -38.61 -3.70 5.64
CA GLU A 71 -38.01 -4.48 6.73
C GLU A 71 -36.79 -3.79 7.33
N TRP A 72 -35.90 -3.29 6.47
CA TRP A 72 -34.68 -2.67 6.99
C TRP A 72 -34.95 -1.32 7.62
N GLY A 73 -36.04 -0.66 7.24
CA GLY A 73 -36.35 0.64 7.75
C GLY A 73 -37.09 0.60 9.08
N PRO A 74 -37.66 1.73 9.49
CA PRO A 74 -37.66 3.04 8.83
C PRO A 74 -36.29 3.68 8.74
N PHE A 75 -36.13 4.62 7.82
CA PHE A 75 -34.88 5.33 7.64
C PHE A 75 -35.11 6.81 7.89
N ASP A 76 -34.12 7.44 8.50
CA ASP A 76 -34.16 8.85 8.75
C ASP A 76 -33.40 9.64 7.70
N LEU A 77 -32.48 8.99 7.00
CA LEU A 77 -31.56 9.66 6.10
C LEU A 77 -31.28 8.70 4.96
N VAL A 78 -31.53 9.15 3.73
CA VAL A 78 -31.26 8.38 2.53
C VAL A 78 -30.28 9.17 1.69
N ILE A 79 -29.08 8.62 1.49
CA ILE A 79 -28.02 9.34 0.80
C ILE A 79 -27.45 8.45 -0.30
N GLY A 80 -26.96 9.11 -1.35
CA GLY A 80 -26.32 8.33 -2.39
C GLY A 80 -25.58 9.19 -3.38
N GLY A 81 -24.57 8.60 -4.02
CA GLY A 81 -23.87 9.24 -5.12
C GLY A 81 -23.53 8.23 -6.18
N SER A 82 -24.26 8.23 -7.29
CA SER A 82 -24.20 7.16 -8.27
C SER A 82 -23.04 7.37 -9.24
N PRO A 83 -22.63 6.30 -9.94
CA PRO A 83 -21.43 6.40 -10.77
C PRO A 83 -21.60 7.35 -11.94
N CYS A 84 -20.53 8.09 -12.22
CA CYS A 84 -20.56 9.16 -13.22
C CYS A 84 -19.78 8.81 -14.48
N ASN A 85 -19.50 7.52 -14.70
CA ASN A 85 -18.78 7.10 -15.92
C ASN A 85 -19.45 7.60 -17.17
N ASP A 86 -20.78 7.50 -17.22
CA ASP A 86 -21.56 7.92 -18.38
C ASP A 86 -22.22 9.31 -18.30
N LEU A 87 -22.11 9.98 -17.17
CA LEU A 87 -22.69 11.30 -17.01
C LEU A 87 -21.68 12.43 -17.20
N SER A 88 -20.40 12.15 -16.96
CA SER A 88 -19.32 13.14 -17.06
C SER A 88 -18.98 13.45 -18.51
N ASN A 89 -18.47 14.68 -18.74
CA ASN A 89 -17.88 15.11 -20.02
C ASN A 89 -16.47 14.62 -20.18
N VAL A 90 -15.90 14.16 -19.07
CA VAL A 90 -14.51 13.78 -18.99
C VAL A 90 -14.30 12.49 -19.77
N ASN A 91 -15.37 11.72 -19.95
CA ASN A 91 -15.36 10.50 -20.75
C ASN A 91 -15.95 10.82 -22.12
N PRO A 92 -15.22 10.58 -23.22
CA PRO A 92 -15.83 10.81 -24.55
C PRO A 92 -17.04 9.94 -24.81
N ALA A 93 -16.98 8.67 -24.42
CA ALA A 93 -18.10 7.75 -24.61
C ALA A 93 -19.13 7.84 -23.49
N ARG A 94 -19.61 9.06 -23.19
CA ARG A 94 -20.81 9.17 -22.37
C ARG A 94 -21.94 8.39 -23.00
N LYS A 95 -22.69 7.75 -22.11
CA LYS A 95 -23.90 7.04 -22.44
C LYS A 95 -25.10 7.79 -21.89
N GLY A 96 -24.86 8.85 -21.11
CA GLY A 96 -25.93 9.68 -20.59
C GLY A 96 -26.71 9.07 -19.42
N LEU A 97 -27.75 9.81 -19.06
CA LEU A 97 -28.56 9.45 -17.91
C LEU A 97 -29.37 8.16 -18.12
N TYR A 98 -29.62 7.75 -19.37
CA TYR A 98 -30.60 6.70 -19.61
C TYR A 98 -30.00 5.37 -20.02
N GLU A 99 -28.68 5.26 -20.15
CA GLU A 99 -28.08 4.00 -20.54
C GLU A 99 -26.78 3.80 -19.77
N GLY A 100 -26.24 2.60 -19.89
CA GLY A 100 -25.01 2.30 -19.18
C GLY A 100 -25.25 2.37 -17.68
N THR A 101 -24.35 3.03 -16.96
CA THR A 101 -24.52 3.18 -15.53
C THR A 101 -25.18 4.49 -15.13
N GLY A 102 -25.39 5.39 -16.09
CA GLY A 102 -26.11 6.61 -15.76
C GLY A 102 -27.50 6.34 -15.25
N ARG A 103 -28.13 5.27 -15.72
CA ARG A 103 -29.49 4.95 -15.33
C ARG A 103 -29.59 4.41 -13.90
N LEU A 104 -28.45 4.21 -13.23
CA LEU A 104 -28.51 3.84 -11.82
C LEU A 104 -29.06 4.96 -10.94
N PHE A 105 -29.05 6.20 -11.43
CA PHE A 105 -29.67 7.28 -10.68
C PHE A 105 -31.13 6.99 -10.40
N PHE A 106 -31.85 6.46 -11.39
CA PHE A 106 -33.27 6.18 -11.19
C PHE A 106 -33.48 5.15 -10.10
N GLU A 107 -32.49 4.27 -9.87
CA GLU A 107 -32.63 3.34 -8.75
C GLU A 107 -32.65 4.11 -7.43
N PHE A 108 -31.80 5.13 -7.32
CA PHE A 108 -31.85 6.02 -6.17
C PHE A 108 -33.20 6.75 -6.09
N TYR A 109 -33.62 7.37 -7.20
CA TYR A 109 -34.95 7.97 -7.22
C TYR A 109 -36.01 6.97 -6.76
N HIS A 110 -35.90 5.72 -7.24
CA HIS A 110 -36.89 4.70 -6.93
C HIS A 110 -36.92 4.40 -5.45
N LEU A 111 -35.76 4.14 -4.85
CA LEU A 111 -35.73 3.71 -3.45
C LEU A 111 -36.01 4.86 -2.51
N LEU A 112 -35.60 6.08 -2.90
CA LEU A 112 -35.96 7.26 -2.15
C LEU A 112 -37.47 7.32 -1.91
N ASN A 113 -38.25 7.02 -2.93
CA ASN A 113 -39.69 7.12 -2.79
C ASN A 113 -40.24 6.02 -1.89
N TYR A 114 -39.66 4.81 -1.96
CA TYR A 114 -40.08 3.75 -1.06
C TYR A 114 -39.80 4.13 0.40
N SER A 115 -38.67 4.80 0.65
CA SER A 115 -38.26 5.07 2.02
C SER A 115 -38.96 6.28 2.62
N ARG A 116 -39.46 7.18 1.80
CA ARG A 116 -40.16 8.37 2.27
C ARG A 116 -41.30 7.97 3.20
N PRO A 117 -41.49 8.68 4.31
CA PRO A 117 -42.67 8.44 5.15
C PRO A 117 -43.95 8.77 4.39
N LYS A 118 -45.02 8.07 4.74
CA LYS A 118 -46.33 8.36 4.16
C LYS A 118 -46.82 9.73 4.64
N GLU A 119 -47.76 10.31 3.88
CA GLU A 119 -48.28 11.60 4.31
C GLU A 119 -49.12 11.41 5.57
N GLY A 120 -49.10 12.43 6.43
CA GLY A 120 -49.61 12.35 7.77
C GLY A 120 -48.52 12.07 8.77
N ASP A 121 -47.44 11.43 8.32
CA ASP A 121 -46.26 11.16 9.12
C ASP A 121 -45.36 12.39 9.01
N ASP A 122 -45.36 13.21 10.05
CA ASP A 122 -44.55 14.41 10.09
C ASP A 122 -43.20 14.19 10.71
N ARG A 123 -42.73 12.94 10.69
CA ARG A 123 -41.45 12.63 11.29
C ARG A 123 -40.32 13.18 10.43
N PRO A 124 -39.18 13.49 11.04
CA PRO A 124 -38.01 13.93 10.27
C PRO A 124 -37.60 12.90 9.23
N PHE A 125 -37.20 13.40 8.07
CA PHE A 125 -36.71 12.54 6.98
C PHE A 125 -35.83 13.40 6.09
N PHE A 126 -34.57 13.00 5.94
CA PHE A 126 -33.61 13.77 5.18
C PHE A 126 -33.00 12.89 4.11
N TRP A 127 -32.61 13.52 3.00
CA TRP A 127 -32.01 12.79 1.90
C TRP A 127 -31.09 13.73 1.15
N MET A 128 -30.15 13.14 0.42
CA MET A 128 -29.19 13.91 -0.34
C MET A 128 -28.62 13.05 -1.47
N PHE A 129 -28.50 13.64 -2.64
CA PHE A 129 -27.94 12.95 -3.80
C PHE A 129 -26.88 13.82 -4.43
N GLU A 130 -25.76 13.22 -4.77
CA GLU A 130 -24.61 13.93 -5.32
C GLU A 130 -24.25 13.40 -6.68
N ASN A 131 -23.84 14.29 -7.58
CA ASN A 131 -23.18 13.87 -8.81
C ASN A 131 -22.28 15.00 -9.29
N VAL A 132 -21.51 14.69 -10.34
CA VAL A 132 -20.53 15.64 -10.83
C VAL A 132 -21.20 16.78 -11.58
N VAL A 133 -20.46 17.87 -11.71
CA VAL A 133 -20.94 19.02 -12.47
C VAL A 133 -20.71 18.82 -13.96
N ALA A 134 -19.69 18.06 -14.34
CA ALA A 134 -19.34 17.95 -15.75
C ALA A 134 -20.32 17.10 -16.52
N MET A 135 -21.62 17.38 -16.39
CA MET A 135 -22.68 16.71 -17.15
C MET A 135 -23.42 17.75 -17.97
N LYS A 136 -24.23 17.29 -18.92
CA LYS A 136 -24.96 18.22 -19.76
C LYS A 136 -26.26 18.66 -19.11
N VAL A 137 -26.72 19.84 -19.55
CA VAL A 137 -27.85 20.49 -18.92
C VAL A 137 -29.11 19.63 -19.01
N GLY A 138 -29.24 18.83 -20.07
CA GLY A 138 -30.38 17.93 -20.15
C GLY A 138 -30.41 16.91 -19.03
N ASP A 139 -29.25 16.32 -18.72
CA ASP A 139 -29.16 15.38 -17.61
C ASP A 139 -29.40 16.07 -16.28
N LYS A 140 -28.73 17.20 -16.06
CA LYS A 140 -28.98 17.98 -14.85
C LYS A 140 -30.46 18.38 -14.74
N ARG A 141 -31.11 18.70 -15.86
CA ARG A 141 -32.52 19.05 -15.81
C ARG A 141 -33.38 17.85 -15.41
N ASP A 142 -33.13 16.70 -16.03
CA ASP A 142 -33.97 15.54 -15.79
C ASP A 142 -33.77 14.99 -14.38
N ILE A 143 -32.53 15.00 -13.88
CA ILE A 143 -32.32 14.54 -12.52
C ILE A 143 -33.16 15.37 -11.56
N SER A 144 -33.17 16.68 -11.74
CA SER A 144 -33.92 17.48 -10.80
C SER A 144 -35.38 17.60 -11.17
N ARG A 145 -35.77 17.05 -12.32
CA ARG A 145 -37.16 16.73 -12.57
C ARG A 145 -37.61 15.57 -11.70
N PHE A 146 -36.75 14.56 -11.56
CA PHE A 146 -37.14 13.36 -10.83
C PHE A 146 -37.02 13.55 -9.31
N LEU A 147 -36.08 14.37 -8.85
CA LEU A 147 -35.96 14.69 -7.44
C LEU A 147 -36.75 15.93 -7.05
N GLU A 148 -37.38 16.61 -8.01
CA GLU A 148 -38.34 17.68 -7.73
C GLU A 148 -37.70 18.87 -7.03
N CYS A 149 -36.41 19.11 -7.26
CA CYS A 149 -35.74 20.21 -6.58
C CYS A 149 -34.45 20.52 -7.32
N ASN A 150 -33.85 21.66 -7.01
CA ASN A 150 -32.64 22.01 -7.72
C ASN A 150 -31.39 21.80 -6.86
N PRO A 151 -30.23 21.62 -7.50
CA PRO A 151 -29.02 21.30 -6.72
C PRO A 151 -28.24 22.53 -6.28
N VAL A 152 -27.55 22.37 -5.16
CA VAL A 152 -26.47 23.27 -4.73
C VAL A 152 -25.18 22.76 -5.34
N MET A 153 -24.33 23.68 -5.79
CA MET A 153 -22.98 23.34 -6.20
C MET A 153 -22.01 23.67 -5.07
N ILE A 154 -21.22 22.68 -4.66
CA ILE A 154 -20.20 22.93 -3.65
C ILE A 154 -18.87 22.39 -4.17
N ASP A 155 -17.87 23.28 -4.25
CA ASP A 155 -16.50 22.92 -4.61
C ASP A 155 -15.67 22.76 -3.34
N ALA A 156 -15.00 21.61 -3.20
CA ALA A 156 -14.16 21.34 -2.05
C ALA A 156 -12.94 22.26 -1.96
N ILE A 157 -12.66 23.06 -2.97
CA ILE A 157 -11.49 23.93 -2.91
C ILE A 157 -11.59 24.89 -1.75
N LYS A 158 -12.81 25.16 -1.26
CA LYS A 158 -12.98 26.09 -0.15
C LYS A 158 -12.56 25.48 1.19
N VAL A 159 -12.52 24.16 1.31
CA VAL A 159 -12.29 23.51 2.59
C VAL A 159 -11.23 22.43 2.51
N SER A 160 -10.63 22.21 1.34
CA SER A 160 -9.64 21.17 1.10
C SER A 160 -8.54 21.71 0.20
N ALA A 161 -7.53 20.89 -0.04
CA ALA A 161 -6.42 21.30 -0.88
C ALA A 161 -6.66 20.99 -2.37
N ALA A 162 -7.86 20.56 -2.75
CA ALA A 162 -8.06 20.15 -4.14
C ALA A 162 -9.34 20.75 -4.72
N HIS A 163 -9.30 20.96 -6.04
CA HIS A 163 -10.53 21.21 -6.78
C HIS A 163 -11.38 19.95 -6.78
N ARG A 164 -12.68 20.12 -6.54
CA ARG A 164 -13.67 19.14 -6.94
C ARG A 164 -15.07 19.73 -6.73
N ALA A 165 -15.69 20.13 -7.84
CA ALA A 165 -16.99 20.76 -7.83
C ALA A 165 -18.06 19.71 -8.09
N ARG A 166 -19.05 19.65 -7.23
CA ARG A 166 -20.09 18.65 -7.32
C ARG A 166 -21.43 19.30 -7.11
N TYR A 167 -22.47 18.64 -7.62
CA TYR A 167 -23.87 19.03 -7.41
C TYR A 167 -24.45 18.19 -6.28
N PHE A 168 -25.24 18.84 -5.41
CA PHE A 168 -25.93 18.13 -4.32
C PHE A 168 -27.39 18.53 -4.34
N TRP A 169 -28.26 17.56 -4.60
CA TRP A 169 -29.68 17.73 -4.37
C TRP A 169 -30.04 17.20 -2.99
N GLY A 170 -31.10 17.71 -2.41
CA GLY A 170 -31.59 17.15 -1.17
C GLY A 170 -32.44 18.13 -0.40
N ASN A 171 -32.77 17.73 0.83
CA ASN A 171 -33.61 18.52 1.71
C ASN A 171 -32.97 18.73 3.08
N LEU A 172 -31.66 18.59 3.19
CA LEU A 172 -31.04 18.80 4.48
C LEU A 172 -31.12 20.27 4.86
N PRO A 173 -31.11 20.57 6.16
CA PRO A 173 -31.18 21.98 6.60
C PRO A 173 -29.94 22.74 6.18
N GLY A 174 -30.15 23.89 5.56
CA GLY A 174 -29.08 24.82 5.30
C GLY A 174 -28.14 24.48 4.18
N MET A 175 -28.58 23.68 3.21
CA MET A 175 -27.69 23.25 2.13
C MET A 175 -27.17 24.43 1.31
N ASN A 176 -27.93 25.51 1.25
CA ASN A 176 -27.58 26.65 0.41
C ASN A 176 -26.72 27.67 1.12
N ARG A 177 -26.43 27.47 2.41
CA ARG A 177 -25.67 28.42 3.19
C ARG A 177 -24.24 28.53 2.68
N PRO A 178 -23.52 29.58 3.07
CA PRO A 178 -22.12 29.69 2.66
C PRO A 178 -21.25 28.68 3.38
N VAL A 179 -20.17 28.28 2.69
CA VAL A 179 -19.21 27.29 3.17
C VAL A 179 -18.02 28.02 3.78
N ILE A 180 -17.71 27.71 5.05
CA ILE A 180 -16.56 28.32 5.73
C ILE A 180 -15.65 27.21 6.23
N ALA A 181 -14.35 27.46 6.11
CA ALA A 181 -13.34 26.51 6.54
C ALA A 181 -13.29 26.43 8.07
N SER A 182 -12.96 25.24 8.57
CA SER A 182 -12.79 25.05 9.99
C SER A 182 -11.30 25.02 10.32
N LYS A 183 -11.02 25.05 11.62
CA LYS A 183 -9.67 25.28 12.08
C LYS A 183 -8.75 24.17 11.58
N ASN A 184 -9.27 22.95 11.44
CA ASN A 184 -8.47 21.78 11.17
C ASN A 184 -8.58 21.31 9.73
N ASP A 185 -9.16 22.13 8.85
CA ASP A 185 -9.17 21.84 7.43
C ASP A 185 -7.79 22.11 6.86
N LYS A 186 -7.28 21.15 6.09
CA LYS A 186 -5.95 21.28 5.51
C LYS A 186 -6.12 21.92 4.13
N LEU A 187 -5.92 23.24 4.07
CA LEU A 187 -6.34 23.96 2.88
C LEU A 187 -5.30 24.00 1.78
N GLU A 188 -4.03 23.76 2.11
CA GLU A 188 -2.95 23.81 1.13
C GLU A 188 -2.32 22.44 1.00
N LEU A 189 -1.87 22.13 -0.23
CA LEU A 189 -1.25 20.84 -0.49
C LEU A 189 -0.11 20.54 0.49
N GLN A 190 0.66 21.57 0.88
CA GLN A 190 1.74 21.36 1.84
C GLN A 190 1.23 20.76 3.15
N ASP A 191 0.02 21.16 3.56
CA ASP A 191 -0.55 20.66 4.82
C ASP A 191 -0.79 19.17 4.81
N CYS A 192 -0.80 18.54 3.64
CA CYS A 192 -1.15 17.15 3.52
C CYS A 192 0.01 16.23 3.18
N LEU A 193 1.21 16.77 2.96
CA LEU A 193 2.34 15.95 2.59
C LEU A 193 3.05 15.35 3.81
N GLU A 194 3.80 14.28 3.58
CA GLU A 194 4.59 13.64 4.62
C GLU A 194 5.87 14.42 4.85
N TYR A 195 6.65 14.01 5.85
CA TYR A 195 7.88 14.71 6.21
C TYR A 195 8.85 14.75 5.05
N ASN A 196 9.58 15.87 4.91
CA ASN A 196 10.64 16.00 3.92
C ASN A 196 10.10 16.02 2.48
N ARG A 197 8.87 16.49 2.28
CA ARG A 197 8.36 16.64 0.93
C ARG A 197 7.87 18.07 0.74
N ILE A 198 8.11 18.63 -0.44
CA ILE A 198 7.77 20.00 -0.76
C ILE A 198 6.62 20.01 -1.76
N ALA A 199 5.57 20.78 -1.44
CA ALA A 199 4.48 20.99 -2.39
C ALA A 199 4.85 22.12 -3.35
N LYS A 200 4.66 21.88 -4.64
CA LYS A 200 4.84 22.95 -5.62
C LYS A 200 3.62 23.87 -5.72
N LEU A 201 2.40 23.38 -5.48
CA LEU A 201 1.19 24.19 -5.56
C LEU A 201 0.53 24.27 -4.21
N LYS A 202 -0.38 25.22 -4.06
CA LYS A 202 -1.20 25.22 -2.85
C LYS A 202 -2.46 24.39 -3.01
N LYS A 203 -3.01 24.31 -4.23
CA LYS A 203 -4.18 23.53 -4.57
C LYS A 203 -3.91 22.68 -5.80
N VAL A 204 -4.52 21.49 -5.85
CA VAL A 204 -4.29 20.58 -6.95
C VAL A 204 -5.59 20.40 -7.73
N GLN A 205 -5.44 20.15 -9.03
CA GLN A 205 -6.58 19.88 -9.89
C GLN A 205 -7.32 18.62 -9.43
N THR A 206 -8.60 18.56 -9.78
CA THR A 206 -9.49 17.48 -9.39
C THR A 206 -8.86 16.12 -9.63
N ILE A 207 -8.91 15.30 -8.57
CA ILE A 207 -8.36 13.96 -8.58
C ILE A 207 -9.42 12.98 -9.05
N THR A 208 -9.07 12.18 -10.05
CA THR A 208 -9.92 11.13 -10.56
C THR A 208 -9.32 9.78 -10.18
N THR A 209 -9.92 8.71 -10.70
CA THR A 209 -9.42 7.38 -10.35
C THR A 209 -8.12 7.03 -11.05
N LYS A 210 -7.73 7.80 -12.07
CA LYS A 210 -6.55 7.52 -12.87
C LYS A 210 -5.40 8.45 -12.51
N SER A 211 -4.18 7.93 -12.68
CA SER A 211 -3.00 8.59 -12.12
C SER A 211 -2.66 9.91 -12.82
N ASN A 212 -3.14 10.11 -14.06
CA ASN A 212 -2.77 11.32 -14.80
C ASN A 212 -3.34 12.60 -14.21
N SER A 213 -4.34 12.50 -13.31
CA SER A 213 -4.92 13.64 -12.61
C SER A 213 -4.05 14.17 -11.48
N ILE A 214 -2.96 13.47 -11.14
CA ILE A 214 -2.14 13.86 -10.00
C ILE A 214 -1.07 14.88 -10.39
N LYS A 215 -0.51 14.80 -11.61
CA LYS A 215 0.44 15.83 -12.05
C LYS A 215 -0.32 16.91 -12.81
N GLN A 216 0.06 18.16 -12.57
CA GLN A 216 -0.86 19.28 -12.67
C GLN A 216 -0.87 19.94 -14.04
N GLY A 217 -2.07 20.23 -14.53
CA GLY A 217 -2.19 21.17 -15.63
C GLY A 217 -1.69 20.65 -16.99
N LYS A 218 -1.47 21.58 -17.91
CA LYS A 218 -0.99 21.22 -19.24
C LYS A 218 0.40 20.60 -19.18
N ASN A 219 1.23 21.17 -18.30
CA ASN A 219 2.62 20.76 -18.13
C ASN A 219 2.71 19.32 -17.66
N GLN A 220 1.65 18.82 -17.02
CA GLN A 220 1.65 17.50 -16.45
C GLN A 220 2.84 17.33 -15.53
N LEU A 221 3.00 18.33 -14.64
CA LEU A 221 4.13 18.39 -13.73
C LEU A 221 3.83 17.63 -12.44
N PHE A 222 4.81 16.84 -12.01
CA PHE A 222 4.76 16.17 -10.72
C PHE A 222 4.50 17.20 -9.63
N PRO A 223 3.60 16.95 -8.69
CA PRO A 223 3.20 18.00 -7.73
C PRO A 223 4.13 18.18 -6.54
N VAL A 224 5.12 17.32 -6.37
CA VAL A 224 5.91 17.25 -5.15
C VAL A 224 7.38 17.23 -5.52
N VAL A 225 8.20 17.81 -4.64
CA VAL A 225 9.63 17.68 -4.72
C VAL A 225 10.08 16.98 -3.44
N MET A 226 10.86 15.92 -3.59
CA MET A 226 11.48 15.22 -2.46
C MET A 226 12.94 14.95 -2.77
N ASN A 227 13.83 15.32 -1.85
CA ASN A 227 15.28 15.15 -2.06
C ASN A 227 15.71 15.68 -3.43
N GLY A 228 15.11 16.78 -3.85
CA GLY A 228 15.50 17.36 -5.09
C GLY A 228 14.83 16.79 -6.31
N LYS A 229 14.20 15.62 -6.21
CA LYS A 229 13.57 15.06 -7.40
C LYS A 229 12.05 15.18 -7.33
N GLU A 230 11.44 15.17 -8.51
CA GLU A 230 10.00 15.24 -8.69
C GLU A 230 9.38 13.93 -8.24
N ASP A 231 8.15 14.02 -7.73
CA ASP A 231 7.42 12.87 -7.29
C ASP A 231 5.93 13.12 -7.42
N VAL A 232 5.19 12.02 -7.52
CA VAL A 232 3.73 12.07 -7.48
C VAL A 232 3.29 12.05 -6.02
N LEU A 233 1.99 12.21 -5.78
CA LEU A 233 1.50 12.15 -4.40
C LEU A 233 1.43 10.71 -3.93
N TRP A 234 1.54 10.54 -2.61
CA TRP A 234 1.40 9.26 -1.93
C TRP A 234 -0.04 9.00 -1.44
N CYS A 235 -0.36 7.72 -1.27
CA CYS A 235 -1.70 7.35 -0.81
C CYS A 235 -2.11 8.06 0.46
N THR A 236 -1.20 8.15 1.44
CA THR A 236 -1.50 8.91 2.65
C THR A 236 -1.74 10.38 2.34
N GLU A 237 -0.98 10.94 1.40
CA GLU A 237 -1.23 12.34 1.05
C GLU A 237 -2.58 12.49 0.33
N LEU A 238 -2.99 11.50 -0.49
CA LEU A 238 -4.32 11.56 -1.09
C LEU A 238 -5.40 11.50 -0.02
N GLU A 239 -5.24 10.60 0.95
CA GLU A 239 -6.23 10.52 2.02
C GLU A 239 -6.36 11.86 2.72
N ARG A 240 -5.24 12.57 2.92
CA ARG A 240 -5.30 13.84 3.62
C ARG A 240 -5.97 14.90 2.78
N ILE A 241 -5.68 14.91 1.47
CA ILE A 241 -6.35 15.88 0.59
C ILE A 241 -7.87 15.68 0.65
N PHE A 242 -8.34 14.44 0.54
CA PHE A 242 -9.77 14.21 0.56
C PHE A 242 -10.39 14.34 1.94
N GLY A 243 -9.56 14.44 2.98
CA GLY A 243 -10.08 14.57 4.34
C GLY A 243 -10.37 13.27 5.05
N PHE A 244 -9.91 12.14 4.51
CA PHE A 244 -10.05 10.88 5.23
C PHE A 244 -8.93 10.74 6.25
N PRO A 245 -9.15 9.93 7.27
CA PRO A 245 -8.07 9.58 8.20
C PRO A 245 -6.90 8.95 7.46
N VAL A 246 -5.69 9.26 7.92
CA VAL A 246 -4.52 8.63 7.32
C VAL A 246 -4.66 7.12 7.45
N HIS A 247 -4.31 6.41 6.37
CA HIS A 247 -4.35 4.96 6.24
C HIS A 247 -5.79 4.41 6.15
N TYR A 248 -6.78 5.25 5.89
CA TYR A 248 -8.14 4.76 5.75
C TYR A 248 -8.25 3.67 4.70
N THR A 249 -7.48 3.75 3.61
CA THR A 249 -7.57 2.76 2.54
C THR A 249 -6.44 1.77 2.55
N ASP A 250 -5.63 1.74 3.61
CA ASP A 250 -4.55 0.77 3.73
C ASP A 250 -5.13 -0.57 4.15
N VAL A 251 -5.83 -1.19 3.20
CA VAL A 251 -6.65 -2.37 3.44
C VAL A 251 -6.53 -3.34 2.27
N SER A 252 -6.65 -4.63 2.60
CA SER A 252 -6.84 -5.68 1.62
C SER A 252 -5.71 -5.69 0.58
N ASN A 253 -4.48 -5.45 1.03
CA ASN A 253 -3.30 -5.47 0.14
C ASN A 253 -3.39 -4.51 -1.04
N MET A 254 -4.32 -3.54 -1.03
CA MET A 254 -4.43 -2.59 -2.15
C MET A 254 -3.15 -1.77 -2.30
N GLY A 255 -2.74 -1.52 -3.55
CA GLY A 255 -1.62 -0.64 -3.85
C GLY A 255 -2.02 0.76 -4.30
N ARG A 256 -1.06 1.47 -4.89
CA ARG A 256 -1.30 2.85 -5.33
C ARG A 256 -2.52 2.94 -6.22
N GLY A 257 -2.61 2.07 -7.22
CA GLY A 257 -3.73 2.16 -8.14
C GLY A 257 -5.07 1.91 -7.48
N ALA A 258 -5.18 0.80 -6.75
CA ALA A 258 -6.45 0.46 -6.12
C ALA A 258 -6.93 1.60 -5.23
N ARG A 259 -6.02 2.12 -4.40
CA ARG A 259 -6.40 3.15 -3.45
C ARG A 259 -6.78 4.46 -4.17
N GLN A 260 -6.05 4.81 -5.24
CA GLN A 260 -6.48 6.01 -5.94
C GLN A 260 -7.85 5.85 -6.57
N LYS A 261 -8.16 4.64 -7.07
CA LYS A 261 -9.48 4.42 -7.61
C LYS A 261 -10.56 4.69 -6.56
N LEU A 262 -10.42 4.08 -5.38
CA LEU A 262 -11.40 4.32 -4.32
C LEU A 262 -11.44 5.79 -3.93
N LEU A 263 -10.28 6.42 -3.77
CA LEU A 263 -10.29 7.80 -3.30
C LEU A 263 -10.80 8.76 -4.37
N GLY A 264 -10.46 8.48 -5.63
CA GLY A 264 -10.83 9.37 -6.71
C GLY A 264 -12.33 9.46 -6.92
N ARG A 265 -13.07 8.38 -6.65
CA ARG A 265 -14.50 8.50 -6.82
C ARG A 265 -15.24 8.83 -5.53
N SER A 266 -14.54 9.09 -4.44
CA SER A 266 -15.19 9.32 -3.16
C SER A 266 -15.63 10.77 -2.97
N TRP A 267 -16.35 11.01 -1.89
CA TRP A 267 -16.72 12.35 -1.50
C TRP A 267 -15.61 13.01 -0.72
N SER A 268 -15.57 14.34 -0.80
CA SER A 268 -14.67 15.10 0.04
C SER A 268 -15.26 15.16 1.44
N VAL A 269 -14.59 14.54 2.43
CA VAL A 269 -15.10 14.47 3.80
C VAL A 269 -15.53 15.84 4.33
N PRO A 270 -14.73 16.90 4.23
CA PRO A 270 -15.18 18.19 4.79
C PRO A 270 -16.41 18.78 4.10
N VAL A 271 -16.64 18.46 2.84
CA VAL A 271 -17.89 18.90 2.22
C VAL A 271 -19.08 18.14 2.81
N ILE A 272 -18.95 16.82 2.98
CA ILE A 272 -20.07 16.09 3.56
C ILE A 272 -20.30 16.50 5.01
N ARG A 273 -19.22 16.75 5.76
CA ARG A 273 -19.39 17.25 7.13
C ARG A 273 -20.24 18.53 7.15
N HIS A 274 -19.91 19.48 6.29
CA HIS A 274 -20.69 20.71 6.16
C HIS A 274 -22.15 20.40 5.88
N LEU A 275 -22.42 19.48 4.96
CA LEU A 275 -23.80 19.19 4.62
C LEU A 275 -24.50 18.46 5.75
N PHE A 276 -23.81 17.50 6.38
CA PHE A 276 -24.48 16.70 7.39
C PHE A 276 -24.59 17.39 8.74
N ALA A 277 -23.81 18.45 8.97
CA ALA A 277 -23.73 19.04 10.31
C ALA A 277 -25.08 19.50 10.87
N PRO A 278 -25.96 20.14 10.11
CA PRO A 278 -27.29 20.49 10.69
C PRO A 278 -28.10 19.30 11.19
N LEU A 279 -27.67 18.06 10.96
CA LEU A 279 -28.40 16.90 11.46
C LEU A 279 -28.23 16.67 12.95
N LYS A 280 -27.22 17.30 13.57
CA LYS A 280 -26.94 17.07 14.99
C LYS A 280 -28.13 17.40 15.87
N ASP A 281 -28.96 18.37 15.46
CA ASP A 281 -30.07 18.82 16.30
C ASP A 281 -31.35 18.03 16.06
N TYR A 282 -31.30 16.93 15.28
CA TYR A 282 -32.46 16.10 15.04
C TYR A 282 -32.28 14.66 15.52
N PHE A 283 -31.09 14.28 15.94
CA PHE A 283 -30.81 12.90 16.31
C PHE A 283 -29.88 12.86 17.52
N ALA A 284 -29.77 11.67 18.09
CA ALA A 284 -28.98 11.45 19.29
C ALA A 284 -27.48 11.71 19.04
N CYS A 285 -26.81 12.11 20.11
CA CYS A 285 -25.42 12.53 20.03
C CYS A 285 -24.58 11.77 21.04
N GLU A 286 -23.30 11.60 20.72
CA GLU A 286 -22.34 11.05 21.67
C GLU A 286 -21.80 12.16 22.54
N HIS B 2 -54.75 -1.44 -5.04
CA HIS B 2 -54.61 -1.92 -6.41
C HIS B 2 -55.76 -2.88 -6.77
N MET B 3 -56.63 -3.19 -5.80
CA MET B 3 -57.87 -3.94 -6.04
C MET B 3 -59.06 -3.13 -5.53
N PHE B 4 -60.13 -3.05 -6.32
CA PHE B 4 -61.29 -2.22 -6.01
C PHE B 4 -62.61 -3.00 -6.08
N GLU B 5 -63.53 -2.71 -5.17
CA GLU B 5 -64.83 -3.36 -5.22
C GLU B 5 -65.58 -2.87 -6.46
N THR B 6 -66.47 -3.71 -6.98
CA THR B 6 -67.35 -3.27 -8.06
C THR B 6 -68.21 -2.08 -7.61
N VAL B 7 -68.46 -1.17 -8.54
CA VAL B 7 -69.37 -0.05 -8.31
C VAL B 7 -70.73 -0.38 -8.91
N PRO B 8 -71.85 -0.03 -8.25
CA PRO B 8 -73.15 -0.07 -8.92
C PRO B 8 -73.21 0.81 -10.17
N VAL B 9 -74.07 0.39 -11.11
CA VAL B 9 -74.08 0.97 -12.45
C VAL B 9 -74.53 2.44 -12.46
N TRP B 10 -75.44 2.82 -11.56
CA TRP B 10 -75.95 4.18 -11.60
C TRP B 10 -74.93 5.19 -11.11
N ARG B 11 -74.04 4.79 -10.21
CA ARG B 11 -73.02 5.70 -9.73
C ARG B 11 -71.73 5.68 -10.56
N ARG B 12 -71.69 4.87 -11.61
CA ARG B 12 -70.50 4.86 -12.45
C ARG B 12 -70.39 6.25 -13.07
N GLN B 13 -69.16 6.75 -13.21
CA GLN B 13 -68.93 8.08 -13.77
C GLN B 13 -67.94 8.05 -14.92
N PRO B 14 -68.01 9.06 -15.82
CA PRO B 14 -67.10 9.07 -16.97
C PRO B 14 -65.65 9.11 -16.54
N VAL B 15 -64.86 8.17 -17.08
CA VAL B 15 -63.47 8.04 -16.65
C VAL B 15 -62.69 9.30 -17.01
N ARG B 16 -61.73 9.66 -16.18
CA ARG B 16 -60.75 10.68 -16.53
C ARG B 16 -59.41 9.99 -16.73
N VAL B 17 -58.83 10.16 -17.92
CA VAL B 17 -57.59 9.46 -18.24
C VAL B 17 -56.52 10.45 -18.68
N LEU B 18 -55.28 10.08 -18.38
CA LEU B 18 -54.09 10.82 -18.79
C LEU B 18 -53.24 9.88 -19.63
N SER B 19 -53.13 10.17 -20.93
CA SER B 19 -52.41 9.31 -21.87
C SER B 19 -51.18 10.05 -22.39
N LEU B 20 -50.01 9.45 -22.18
CA LEU B 20 -48.73 10.06 -22.54
C LEU B 20 -48.11 9.33 -23.71
N PHE B 21 -47.36 10.09 -24.51
CA PHE B 21 -46.62 9.61 -25.68
C PHE B 21 -47.56 9.17 -26.81
N GLU B 22 -48.38 8.15 -26.59
CA GLU B 22 -49.39 7.78 -27.57
C GLU B 22 -50.76 8.26 -27.09
N ASP B 23 -51.65 8.53 -28.04
CA ASP B 23 -52.99 9.01 -27.74
C ASP B 23 -54.00 7.88 -27.97
N ILE B 24 -54.79 7.59 -26.95
CA ILE B 24 -55.83 6.56 -27.06
C ILE B 24 -57.23 7.19 -27.08
N LYS B 25 -57.34 8.48 -27.41
CA LYS B 25 -58.63 9.17 -27.33
C LYS B 25 -59.65 8.54 -28.27
N LYS B 26 -59.39 8.62 -29.57
CA LYS B 26 -60.31 8.07 -30.56
C LYS B 26 -60.50 6.58 -30.33
N GLU B 27 -59.41 5.92 -29.92
CA GLU B 27 -59.41 4.56 -29.44
C GLU B 27 -60.49 4.31 -28.39
N LEU B 28 -60.36 5.01 -27.25
CA LEU B 28 -61.13 4.68 -26.05
C LEU B 28 -62.61 5.06 -26.19
N THR B 29 -62.92 6.06 -27.03
CA THR B 29 -64.32 6.41 -27.26
C THR B 29 -65.06 5.29 -27.97
N SER B 30 -64.36 4.51 -28.79
CA SER B 30 -64.98 3.37 -29.45
C SER B 30 -65.61 2.42 -28.44
N LEU B 31 -65.05 2.32 -27.25
CA LEU B 31 -65.58 1.48 -26.18
C LEU B 31 -66.50 2.24 -25.24
N GLY B 32 -66.87 3.48 -25.57
CA GLY B 32 -67.82 4.24 -24.79
C GLY B 32 -67.32 4.80 -23.48
N PHE B 33 -66.02 4.79 -23.24
CA PHE B 33 -65.49 5.42 -22.03
C PHE B 33 -65.57 6.94 -22.11
N LEU B 34 -65.35 7.50 -23.30
CA LEU B 34 -65.55 8.93 -23.52
C LEU B 34 -66.77 9.16 -24.42
N GLU B 35 -67.34 10.34 -24.28
CA GLU B 35 -68.50 10.67 -25.06
C GLU B 35 -68.02 11.53 -26.19
N SER B 36 -68.25 11.07 -27.42
CA SER B 36 -67.87 11.85 -28.59
C SER B 36 -68.79 13.06 -28.66
N GLY B 37 -68.27 14.25 -28.40
CA GLY B 37 -69.14 15.38 -28.24
C GLY B 37 -68.47 16.63 -27.77
N SER B 38 -67.93 16.57 -26.56
CA SER B 38 -67.27 17.74 -26.02
C SER B 38 -65.76 17.70 -26.24
N ASP B 39 -65.26 18.75 -26.88
CA ASP B 39 -63.83 18.87 -27.18
C ASP B 39 -63.02 18.90 -25.91
N PRO B 40 -63.52 19.57 -24.86
CA PRO B 40 -62.75 19.46 -23.62
C PRO B 40 -63.08 18.18 -22.89
N GLY B 41 -62.42 17.12 -23.30
CA GLY B 41 -62.72 15.77 -22.93
C GLY B 41 -62.23 15.48 -21.56
N GLN B 42 -62.40 14.22 -21.21
CA GLN B 42 -61.93 13.72 -19.94
C GLN B 42 -60.51 13.14 -20.09
N LEU B 43 -59.97 13.20 -21.29
CA LEU B 43 -58.67 12.73 -21.60
C LEU B 43 -57.74 13.86 -22.00
N LYS B 44 -56.62 13.92 -21.31
CA LYS B 44 -55.54 14.88 -21.49
C LYS B 44 -54.38 14.16 -22.14
N HIS B 45 -53.88 14.71 -23.25
CA HIS B 45 -52.79 14.11 -24.00
C HIS B 45 -51.58 15.03 -23.98
N VAL B 46 -50.40 14.44 -23.79
CA VAL B 46 -49.15 15.18 -23.82
C VAL B 46 -48.05 14.20 -24.18
N VAL B 47 -47.09 14.67 -24.98
CA VAL B 47 -46.05 13.82 -25.54
C VAL B 47 -44.67 14.17 -25.00
N ASP B 48 -44.35 15.46 -24.91
CA ASP B 48 -43.04 15.90 -24.40
C ASP B 48 -43.17 16.27 -22.92
N VAL B 49 -42.86 15.32 -22.04
CA VAL B 49 -43.16 15.51 -20.63
C VAL B 49 -41.93 15.99 -19.86
N THR B 50 -40.85 16.37 -20.55
CA THR B 50 -39.61 16.62 -19.84
C THR B 50 -39.75 17.79 -18.86
N ASP B 51 -40.58 18.78 -19.18
CA ASP B 51 -40.71 19.93 -18.31
C ASP B 51 -42.08 19.98 -17.65
N THR B 52 -42.77 18.84 -17.54
CA THR B 52 -44.00 18.79 -16.74
C THR B 52 -43.66 18.60 -15.26
N VAL B 53 -44.32 19.38 -14.42
CA VAL B 53 -44.13 19.38 -12.99
C VAL B 53 -45.34 18.70 -12.36
N ARG B 54 -45.21 18.29 -11.10
CA ARG B 54 -46.37 17.81 -10.34
C ARG B 54 -47.54 18.80 -10.44
N LYS B 55 -47.27 20.09 -10.21
CA LYS B 55 -48.33 21.10 -10.23
C LYS B 55 -49.07 21.10 -11.57
N ASP B 56 -48.40 20.71 -12.65
CA ASP B 56 -49.09 20.53 -13.92
C ASP B 56 -50.08 19.38 -13.83
N VAL B 57 -49.61 18.22 -13.38
CA VAL B 57 -50.49 17.05 -13.34
C VAL B 57 -51.67 17.28 -12.40
N GLU B 58 -51.41 17.93 -11.26
CA GLU B 58 -52.49 18.15 -10.30
C GLU B 58 -53.52 19.14 -10.83
N GLU B 59 -53.10 20.19 -11.55
CA GLU B 59 -54.08 21.14 -12.05
C GLU B 59 -54.75 20.66 -13.33
N TRP B 60 -54.19 19.61 -13.99
CA TRP B 60 -54.85 18.90 -15.09
C TRP B 60 -56.00 18.04 -14.62
N GLY B 61 -56.36 18.30 -13.36
CA GLY B 61 -57.45 17.67 -12.66
C GLY B 61 -57.22 16.21 -12.36
N PRO B 62 -58.11 15.64 -11.54
CA PRO B 62 -57.93 14.25 -11.11
C PRO B 62 -58.05 13.27 -12.24
N PHE B 63 -57.34 12.16 -12.11
CA PHE B 63 -57.35 11.11 -13.13
C PHE B 63 -57.74 9.78 -12.52
N ASP B 64 -58.38 8.96 -13.33
CA ASP B 64 -58.69 7.60 -12.91
C ASP B 64 -57.86 6.57 -13.63
N LEU B 65 -57.25 6.95 -14.76
CA LEU B 65 -56.46 6.05 -15.58
C LEU B 65 -55.29 6.82 -16.16
N VAL B 66 -54.09 6.27 -16.00
CA VAL B 66 -52.89 6.83 -16.62
C VAL B 66 -52.35 5.79 -17.58
N TYR B 67 -52.12 6.19 -18.82
CA TYR B 67 -51.70 5.27 -19.86
C TYR B 67 -50.46 5.80 -20.55
N GLY B 68 -49.45 4.96 -20.71
CA GLY B 68 -48.25 5.33 -21.43
C GLY B 68 -47.80 4.19 -22.31
N ALA B 69 -47.17 4.54 -23.42
CA ALA B 69 -46.74 3.53 -24.35
C ALA B 69 -45.51 4.03 -25.10
N THR B 70 -44.65 3.09 -25.46
CA THR B 70 -43.54 3.39 -26.36
C THR B 70 -44.02 3.79 -27.75
N PRO B 71 -43.16 4.43 -28.53
CA PRO B 71 -43.41 4.59 -29.97
C PRO B 71 -43.40 3.24 -30.66
N PRO B 72 -44.05 3.13 -31.83
CA PRO B 72 -44.08 1.86 -32.55
C PRO B 72 -42.70 1.44 -33.02
N LEU B 73 -42.56 0.17 -33.37
CA LEU B 73 -41.25 -0.36 -33.71
C LEU B 73 -40.67 0.37 -34.90
N GLY B 74 -41.35 0.32 -36.04
CA GLY B 74 -40.82 0.94 -37.22
C GLY B 74 -40.90 2.44 -37.01
N HIS B 75 -40.01 2.98 -36.20
CA HIS B 75 -40.05 4.41 -35.94
C HIS B 75 -38.67 4.91 -35.52
N THR B 76 -38.51 6.22 -35.65
CA THR B 76 -37.28 6.90 -35.28
C THR B 76 -37.09 6.82 -33.77
N CYS B 77 -35.95 6.32 -33.33
CA CYS B 77 -35.75 6.34 -31.89
C CYS B 77 -35.29 7.75 -31.55
N ASP B 78 -36.23 8.63 -31.16
CA ASP B 78 -35.81 9.96 -30.78
C ASP B 78 -35.06 9.93 -29.47
N ARG B 79 -35.69 9.30 -28.48
CA ARG B 79 -35.10 9.19 -27.16
C ARG B 79 -34.88 7.72 -26.82
N PRO B 80 -33.99 7.45 -25.87
CA PRO B 80 -33.68 6.09 -25.45
C PRO B 80 -34.95 5.38 -25.01
N PRO B 81 -35.08 4.08 -25.30
CA PRO B 81 -36.35 3.40 -25.01
C PRO B 81 -36.71 3.41 -23.52
N SER B 82 -35.71 3.40 -22.64
CA SER B 82 -35.97 3.51 -21.21
C SER B 82 -36.61 4.84 -20.85
N TRP B 83 -36.41 5.88 -21.66
CA TRP B 83 -36.90 7.21 -21.32
C TRP B 83 -38.40 7.21 -21.13
N TYR B 84 -39.14 6.53 -22.01
CA TYR B 84 -40.60 6.48 -21.87
C TYR B 84 -41.01 5.79 -20.58
N LEU B 85 -40.23 4.80 -20.15
CA LEU B 85 -40.54 4.13 -18.89
C LEU B 85 -40.39 5.09 -17.70
N PHE B 86 -39.17 5.61 -17.50
CA PHE B 86 -38.92 6.45 -16.32
C PHE B 86 -39.85 7.65 -16.27
N GLN B 87 -40.12 8.27 -17.42
CA GLN B 87 -41.02 9.42 -17.43
C GLN B 87 -42.45 8.99 -17.08
N PHE B 88 -42.93 7.88 -17.64
CA PHE B 88 -44.24 7.36 -17.24
C PHE B 88 -44.30 7.11 -15.73
N HIS B 89 -43.24 6.51 -15.18
CA HIS B 89 -43.23 6.29 -13.73
C HIS B 89 -43.23 7.60 -12.98
N ARG B 90 -42.58 8.63 -13.53
CA ARG B 90 -42.49 9.92 -12.83
C ARG B 90 -43.85 10.55 -12.61
N LEU B 91 -44.65 10.67 -13.67
CA LEU B 91 -45.92 11.39 -13.55
C LEU B 91 -47.02 10.52 -12.97
N LEU B 92 -46.95 9.20 -13.19
CA LEU B 92 -47.88 8.32 -12.51
C LEU B 92 -47.89 8.58 -11.01
N GLN B 93 -46.71 8.81 -10.42
CA GLN B 93 -46.66 9.11 -8.99
C GLN B 93 -47.33 10.43 -8.67
N TYR B 94 -47.21 11.42 -9.56
CA TYR B 94 -47.94 12.67 -9.33
C TYR B 94 -49.45 12.44 -9.37
N ALA B 95 -49.90 11.51 -10.24
CA ALA B 95 -51.33 11.35 -10.51
C ALA B 95 -52.05 10.48 -9.47
N ARG B 96 -51.33 9.68 -8.69
CA ARG B 96 -51.97 8.78 -7.74
C ARG B 96 -52.79 9.57 -6.73
N PRO B 97 -53.92 9.02 -6.29
CA PRO B 97 -54.62 9.62 -5.16
C PRO B 97 -53.79 9.54 -3.89
N LYS B 98 -54.01 10.51 -3.00
CA LYS B 98 -53.36 10.51 -1.70
C LYS B 98 -53.87 9.32 -0.88
N PRO B 99 -53.10 8.85 0.10
CA PRO B 99 -53.58 7.74 0.95
C PRO B 99 -54.93 7.96 1.61
N GLY B 100 -55.22 9.18 2.05
CA GLY B 100 -56.47 9.52 2.70
C GLY B 100 -57.64 9.76 1.78
N SER B 101 -57.51 9.47 0.48
CA SER B 101 -58.60 9.64 -0.49
C SER B 101 -58.60 8.47 -1.47
N PRO B 102 -58.99 7.26 -1.01
CA PRO B 102 -58.94 6.06 -1.87
C PRO B 102 -60.06 6.00 -2.88
N ARG B 103 -59.73 6.27 -4.14
CA ARG B 103 -60.69 6.21 -5.25
C ARG B 103 -60.16 5.30 -6.37
N PRO B 104 -61.03 4.45 -6.94
CA PRO B 104 -60.58 3.55 -8.02
C PRO B 104 -59.63 4.30 -8.94
N PHE B 105 -58.42 3.76 -9.11
CA PHE B 105 -57.37 4.45 -9.84
C PHE B 105 -56.46 3.43 -10.52
N PHE B 106 -56.32 3.56 -11.84
CA PHE B 106 -55.68 2.55 -12.66
C PHE B 106 -54.60 3.15 -13.56
N TRP B 107 -53.69 2.29 -14.01
CA TRP B 107 -52.58 2.70 -14.85
C TRP B 107 -52.18 1.55 -15.75
N MET B 108 -51.73 1.90 -16.96
CA MET B 108 -51.29 0.91 -17.94
C MET B 108 -50.05 1.43 -18.67
N PHE B 109 -49.07 0.54 -18.87
CA PHE B 109 -47.91 0.86 -19.70
C PHE B 109 -47.72 -0.27 -20.70
N VAL B 110 -47.56 0.07 -21.98
CA VAL B 110 -47.42 -0.90 -23.07
C VAL B 110 -46.12 -0.64 -23.83
N ASP B 111 -45.45 -1.72 -24.26
CA ASP B 111 -44.27 -1.60 -25.10
C ASP B 111 -44.44 -2.33 -26.41
N ASN B 112 -43.84 -1.77 -27.47
CA ASN B 112 -43.90 -2.23 -28.85
C ASN B 112 -42.75 -3.17 -29.20
N LEU B 113 -42.20 -3.90 -28.23
CA LEU B 113 -40.97 -4.69 -28.39
C LEU B 113 -39.75 -3.82 -28.64
N VAL B 114 -39.81 -2.53 -28.27
CA VAL B 114 -38.66 -1.64 -28.44
C VAL B 114 -37.72 -1.69 -27.25
N LEU B 115 -38.08 -2.41 -26.18
CA LEU B 115 -37.26 -2.52 -24.97
C LEU B 115 -36.52 -3.84 -24.98
N ASN B 116 -35.19 -3.79 -24.82
CA ASN B 116 -34.36 -4.99 -24.71
C ASN B 116 -34.65 -5.71 -23.39
N LYS B 117 -33.91 -6.81 -23.14
CA LYS B 117 -34.21 -7.63 -21.96
C LYS B 117 -34.02 -6.85 -20.67
N GLU B 118 -32.82 -6.32 -20.41
CA GLU B 118 -32.61 -5.73 -19.09
C GLU B 118 -33.40 -4.44 -18.91
N ASP B 119 -33.79 -3.79 -19.99
CA ASP B 119 -34.80 -2.73 -19.89
C ASP B 119 -36.10 -3.27 -19.33
N LEU B 120 -36.47 -4.48 -19.73
CA LEU B 120 -37.70 -5.09 -19.21
C LEU B 120 -37.55 -5.41 -17.73
N ASP B 121 -36.34 -5.77 -17.27
CA ASP B 121 -36.20 -6.02 -15.85
C ASP B 121 -36.24 -4.73 -15.06
N VAL B 122 -35.85 -3.62 -15.69
CA VAL B 122 -36.06 -2.32 -15.04
C VAL B 122 -37.54 -1.97 -15.06
N ALA B 123 -38.22 -2.30 -16.15
CA ALA B 123 -39.66 -2.08 -16.23
C ALA B 123 -40.41 -2.81 -15.12
N SER B 124 -40.06 -4.08 -14.86
CA SER B 124 -40.87 -4.85 -13.91
C SER B 124 -40.48 -4.62 -12.46
N ARG B 125 -39.29 -4.12 -12.20
CA ARG B 125 -39.00 -3.71 -10.84
C ARG B 125 -39.61 -2.35 -10.55
N PHE B 126 -39.72 -1.50 -11.56
CA PHE B 126 -40.29 -0.18 -11.34
C PHE B 126 -41.81 -0.22 -11.28
N LEU B 127 -42.43 -1.08 -12.10
CA LEU B 127 -43.88 -1.26 -12.09
C LEU B 127 -44.30 -2.51 -11.35
N GLU B 128 -43.36 -3.13 -10.62
CA GLU B 128 -43.66 -4.07 -9.54
C GLU B 128 -44.48 -5.27 -10.02
N MET B 129 -44.26 -5.72 -11.25
CA MET B 129 -44.96 -6.88 -11.78
C MET B 129 -44.32 -7.28 -13.08
N GLU B 130 -44.37 -8.58 -13.39
CA GLU B 130 -43.96 -9.03 -14.71
C GLU B 130 -45.00 -8.60 -15.74
N PRO B 131 -44.59 -8.39 -16.98
CA PRO B 131 -45.56 -8.05 -18.02
C PRO B 131 -46.29 -9.29 -18.52
N VAL B 132 -47.35 -9.06 -19.28
CA VAL B 132 -48.04 -10.12 -19.99
C VAL B 132 -47.89 -9.87 -21.47
N THR B 133 -47.53 -10.91 -22.22
CA THR B 133 -47.24 -10.78 -23.64
C THR B 133 -48.47 -11.22 -24.41
N ILE B 134 -49.15 -10.27 -25.04
CA ILE B 134 -50.37 -10.50 -25.79
C ILE B 134 -50.06 -10.35 -27.28
N PRO B 135 -50.20 -11.41 -28.09
CA PRO B 135 -49.88 -11.40 -29.52
C PRO B 135 -51.09 -11.17 -30.43
N GLN B 143 -48.19 -11.20 -37.95
CA GLN B 143 -47.66 -11.60 -36.64
C GLN B 143 -46.97 -10.42 -35.96
N ASN B 144 -47.40 -10.13 -34.73
CA ASN B 144 -47.05 -8.91 -34.02
C ASN B 144 -47.53 -9.05 -32.58
N ALA B 145 -46.80 -8.42 -31.65
CA ALA B 145 -47.15 -8.51 -30.23
C ALA B 145 -46.73 -7.26 -29.47
N VAL B 146 -47.40 -7.05 -28.33
CA VAL B 146 -47.06 -6.03 -27.34
C VAL B 146 -47.15 -6.68 -25.96
N ARG B 147 -46.51 -6.05 -24.98
CA ARG B 147 -46.63 -6.50 -23.59
C ARG B 147 -47.03 -5.34 -22.68
N VAL B 148 -47.90 -5.63 -21.71
CA VAL B 148 -48.51 -4.61 -20.88
C VAL B 148 -48.16 -4.84 -19.43
N TRP B 149 -47.89 -3.74 -18.73
CA TRP B 149 -47.92 -3.68 -17.29
C TRP B 149 -49.14 -2.86 -16.92
N SER B 150 -49.96 -3.40 -16.03
CA SER B 150 -51.19 -2.71 -15.66
C SER B 150 -51.69 -3.28 -14.34
N ASN B 151 -52.38 -2.44 -13.58
CA ASN B 151 -53.08 -2.94 -12.40
C ASN B 151 -54.56 -3.27 -12.64
N ILE B 152 -55.05 -3.23 -13.89
CA ILE B 152 -56.48 -3.49 -14.09
C ILE B 152 -56.69 -4.99 -14.28
N PRO B 153 -57.74 -5.55 -13.68
CA PRO B 153 -57.78 -7.00 -13.40
C PRO B 153 -58.06 -7.92 -14.58
N ALA B 154 -58.17 -7.43 -15.82
CA ALA B 154 -58.28 -8.36 -16.95
C ALA B 154 -57.06 -9.27 -16.98
N ILE B 155 -55.88 -8.66 -17.05
CA ILE B 155 -54.59 -9.32 -17.15
C ILE B 155 -54.32 -10.15 -15.89
N LEU B 162 -48.96 -17.56 -25.59
CA LEU B 162 -48.24 -18.82 -25.51
C LEU B 162 -47.06 -18.89 -26.47
N VAL B 163 -46.14 -17.93 -26.41
CA VAL B 163 -45.12 -17.90 -27.45
C VAL B 163 -43.74 -17.71 -26.85
N SER B 164 -42.84 -18.62 -27.23
CA SER B 164 -41.42 -18.53 -26.97
C SER B 164 -40.88 -17.13 -27.27
N GLU B 165 -40.03 -16.63 -26.37
CA GLU B 165 -39.40 -15.34 -26.65
C GLU B 165 -38.30 -15.46 -27.70
N GLU B 166 -37.78 -16.67 -27.95
CA GLU B 166 -37.14 -16.95 -29.23
C GLU B 166 -37.98 -16.44 -30.40
N GLU B 167 -39.21 -16.97 -30.53
CA GLU B 167 -40.11 -16.48 -31.59
C GLU B 167 -40.22 -14.96 -31.58
N LEU B 168 -40.52 -14.38 -30.42
CA LEU B 168 -40.68 -12.93 -30.33
C LEU B 168 -39.45 -12.11 -30.70
N SER B 169 -38.28 -12.58 -30.30
CA SER B 169 -37.03 -11.87 -30.52
C SER B 169 -36.54 -11.97 -31.98
N LEU B 170 -36.81 -13.08 -32.66
CA LEU B 170 -36.54 -13.08 -34.09
C LEU B 170 -37.71 -12.51 -34.88
N LEU B 171 -38.92 -12.51 -34.32
CA LEU B 171 -40.01 -11.74 -34.92
C LEU B 171 -39.64 -10.26 -34.98
N ALA B 172 -39.06 -9.75 -33.89
CA ALA B 172 -38.84 -8.31 -33.78
C ALA B 172 -37.95 -7.77 -34.90
N GLN B 173 -36.94 -8.55 -35.31
CA GLN B 173 -35.85 -7.98 -36.11
C GLN B 173 -36.28 -7.43 -37.47
N ASN B 174 -37.21 -8.09 -38.18
CA ASN B 174 -37.32 -7.79 -39.60
C ASN B 174 -38.11 -6.49 -39.87
N LYS B 175 -38.95 -6.08 -38.93
CA LYS B 175 -39.58 -4.74 -39.08
C LYS B 175 -38.59 -3.67 -38.65
N LYS B 183 -47.35 2.73 -37.17
CA LYS B 183 -48.20 1.55 -36.99
C LYS B 183 -48.24 1.15 -35.52
N TRP B 184 -48.99 1.86 -34.70
CA TRP B 184 -49.15 1.33 -33.34
C TRP B 184 -50.29 0.31 -33.33
N PRO B 185 -50.05 -0.91 -32.83
CA PRO B 185 -51.10 -1.94 -32.83
C PRO B 185 -52.11 -1.71 -31.71
N THR B 186 -52.93 -0.68 -31.92
CA THR B 186 -54.00 -0.39 -30.99
C THR B 186 -55.01 -1.53 -30.94
N LYS B 187 -55.17 -2.24 -32.05
CA LYS B 187 -55.97 -3.45 -32.16
C LYS B 187 -55.91 -4.30 -30.90
N LEU B 188 -54.70 -4.44 -30.38
CA LEU B 188 -54.38 -5.42 -29.35
C LEU B 188 -54.50 -4.91 -27.92
N VAL B 189 -54.21 -3.64 -27.69
CA VAL B 189 -54.21 -3.12 -26.32
C VAL B 189 -55.64 -3.00 -25.79
N LYS B 190 -56.60 -2.63 -26.66
CA LYS B 190 -57.91 -2.18 -26.21
C LYS B 190 -58.72 -3.26 -25.49
N ASN B 191 -58.50 -4.52 -25.80
CA ASN B 191 -59.34 -5.54 -25.17
C ASN B 191 -59.06 -5.65 -23.68
N CYS B 192 -57.86 -5.29 -23.24
CA CYS B 192 -57.51 -5.23 -21.83
C CYS B 192 -58.10 -4.01 -21.13
N PHE B 193 -58.62 -3.04 -21.88
CA PHE B 193 -59.22 -1.84 -21.32
C PHE B 193 -60.63 -2.05 -20.77
N LEU B 194 -61.33 -3.06 -21.27
CA LEU B 194 -62.74 -3.26 -20.94
C LEU B 194 -63.13 -3.47 -19.50
N PRO B 195 -62.36 -4.28 -18.76
CA PRO B 195 -62.72 -4.52 -17.36
C PRO B 195 -62.90 -3.25 -16.56
N LEU B 196 -62.52 -2.10 -17.10
CA LEU B 196 -62.79 -0.82 -16.46
C LEU B 196 -64.24 -0.38 -16.61
N ARG B 197 -65.03 -1.10 -17.40
CA ARG B 197 -66.45 -0.78 -17.49
C ARG B 197 -67.16 -1.01 -16.17
N GLU B 198 -66.62 -1.88 -15.31
CA GLU B 198 -67.21 -2.12 -14.00
C GLU B 198 -66.89 -1.02 -12.97
N TYR B 199 -66.31 0.09 -13.42
CA TYR B 199 -66.00 1.24 -12.57
C TYR B 199 -66.45 2.56 -13.17
N PHE B 200 -66.65 2.64 -14.49
CA PHE B 200 -66.92 3.89 -15.16
C PHE B 200 -68.08 3.72 -16.13
N LYS B 201 -68.63 4.84 -16.58
CA LYS B 201 -69.84 4.82 -17.38
C LYS B 201 -69.58 4.21 -18.75
N TYR B 202 -70.61 3.58 -19.29
CA TYR B 202 -70.58 2.92 -20.59
C TYR B 202 -71.45 3.74 -21.53
N PHE B 203 -70.87 4.21 -22.63
CA PHE B 203 -71.60 5.03 -23.60
C PHE B 203 -71.99 4.20 -24.83
N SER B 204 -73.26 4.27 -25.20
CA SER B 204 -73.74 3.60 -26.41
C SER B 204 -74.30 4.61 -27.40
N HIS C 2 52.89 4.09 10.28
CA HIS C 2 53.62 5.18 10.90
C HIS C 2 55.07 5.23 10.40
N MET C 3 55.71 6.38 10.60
CA MET C 3 57.14 6.53 10.37
C MET C 3 57.90 6.12 11.63
N PHE C 4 58.99 5.39 11.45
CA PHE C 4 59.78 4.91 12.57
C PHE C 4 61.20 5.42 12.43
N GLU C 5 61.74 5.95 13.52
CA GLU C 5 63.12 6.42 13.45
C GLU C 5 64.05 5.23 13.30
N THR C 6 65.14 5.46 12.56
CA THR C 6 66.17 4.45 12.37
C THR C 6 66.79 4.02 13.69
N VAL C 7 67.30 2.80 13.71
CA VAL C 7 67.98 2.25 14.87
C VAL C 7 69.45 2.56 14.71
N PRO C 8 70.16 2.90 15.78
CA PRO C 8 71.62 2.76 15.73
C PRO C 8 71.95 1.30 15.45
N VAL C 9 73.08 1.09 14.78
CA VAL C 9 73.38 -0.24 14.24
C VAL C 9 73.59 -1.26 15.37
N TRP C 10 74.10 -0.83 16.52
CA TRP C 10 74.38 -1.77 17.61
C TRP C 10 73.11 -2.23 18.31
N ARG C 11 72.04 -1.44 18.29
CA ARG C 11 70.81 -1.85 18.95
C ARG C 11 69.90 -2.69 18.08
N ARG C 12 70.22 -2.86 16.80
CA ARG C 12 69.38 -3.67 15.91
C ARG C 12 69.32 -5.13 16.36
N GLN C 13 68.11 -5.69 16.26
CA GLN C 13 67.83 -7.04 16.72
C GLN C 13 67.42 -7.91 15.54
N PRO C 14 67.40 -9.24 15.68
CA PRO C 14 66.91 -10.10 14.59
C PRO C 14 65.39 -10.03 14.52
N VAL C 15 64.84 -9.88 13.30
CA VAL C 15 63.40 -9.73 13.15
C VAL C 15 62.68 -10.95 13.68
N ARG C 16 61.51 -10.74 14.24
CA ARG C 16 60.58 -11.83 14.47
C ARG C 16 59.45 -11.62 13.47
N VAL C 17 59.22 -12.61 12.60
CA VAL C 17 58.24 -12.45 11.54
C VAL C 17 57.23 -13.57 11.55
N LEU C 18 56.02 -13.25 11.13
CA LEU C 18 54.93 -14.20 11.00
C LEU C 18 54.50 -14.15 9.54
N SER C 19 54.74 -15.23 8.80
CA SER C 19 54.43 -15.29 7.38
C SER C 19 53.31 -16.32 7.17
N LEU C 20 52.21 -15.87 6.57
CA LEU C 20 51.02 -16.69 6.40
C LEU C 20 50.90 -17.13 4.95
N PHE C 21 50.32 -18.30 4.76
CA PHE C 21 50.04 -18.85 3.43
C PHE C 21 51.35 -19.20 2.70
N GLU C 22 52.19 -18.22 2.42
CA GLU C 22 53.51 -18.49 1.84
C GLU C 22 54.60 -18.37 2.89
N ASP C 23 55.69 -19.10 2.69
CA ASP C 23 56.83 -19.11 3.59
C ASP C 23 57.96 -18.33 2.94
N ILE C 24 58.47 -17.33 3.64
CA ILE C 24 59.59 -16.55 3.14
C ILE C 24 60.88 -16.86 3.89
N LYS C 25 60.92 -18.03 4.56
CA LYS C 25 62.05 -18.39 5.42
C LYS C 25 63.35 -18.43 4.65
N LYS C 26 63.45 -19.32 3.66
CA LYS C 26 64.69 -19.44 2.90
C LYS C 26 65.00 -18.15 2.14
N GLU C 27 63.99 -17.48 1.63
CA GLU C 27 64.18 -16.15 1.08
C GLU C 27 64.83 -15.20 2.10
N LEU C 28 64.18 -14.98 3.25
CA LEU C 28 64.64 -13.93 4.16
C LEU C 28 66.03 -14.23 4.72
N THR C 29 66.44 -15.51 4.74
CA THR C 29 67.80 -15.81 5.20
C THR C 29 68.84 -15.24 4.24
N SER C 30 68.52 -15.21 2.94
CA SER C 30 69.45 -14.69 1.94
C SER C 30 69.85 -13.24 2.21
N LEU C 31 68.95 -12.44 2.74
CA LEU C 31 69.28 -11.05 3.02
C LEU C 31 69.78 -10.84 4.44
N GLY C 32 69.96 -11.92 5.19
CA GLY C 32 70.52 -11.84 6.53
C GLY C 32 69.60 -11.31 7.60
N PHE C 33 68.31 -11.12 7.30
CA PHE C 33 67.36 -10.80 8.36
C PHE C 33 67.15 -12.01 9.27
N LEU C 34 67.20 -13.19 8.67
CA LEU C 34 67.13 -14.48 9.37
C LEU C 34 68.52 -15.10 9.38
N GLU C 35 68.81 -15.86 10.44
CA GLU C 35 70.11 -16.48 10.63
C GLU C 35 69.95 -17.99 10.72
N SER C 36 70.84 -18.71 10.03
CA SER C 36 70.68 -20.14 9.80
C SER C 36 70.96 -20.99 11.03
N GLY C 37 71.45 -20.40 12.12
CA GLY C 37 71.73 -21.13 13.34
C GLY C 37 70.52 -21.46 14.19
N SER C 38 69.56 -20.55 14.26
CA SER C 38 68.40 -20.70 15.15
C SER C 38 67.49 -21.79 14.61
N ASP C 39 67.50 -22.95 15.32
CA ASP C 39 66.57 -24.05 15.03
C ASP C 39 65.18 -23.52 15.42
N PRO C 40 65.02 -22.98 16.65
CA PRO C 40 63.79 -22.21 16.80
C PRO C 40 63.87 -20.92 16.00
N GLY C 41 63.51 -20.95 14.71
CA GLY C 41 63.63 -19.75 13.90
C GLY C 41 62.84 -18.58 14.46
N GLN C 42 63.22 -17.38 14.02
CA GLN C 42 62.44 -16.20 14.33
C GLN C 42 61.26 -16.00 13.37
N LEU C 43 61.08 -16.93 12.45
CA LEU C 43 59.98 -16.94 11.49
C LEU C 43 58.99 -18.02 11.89
N LYS C 44 57.72 -17.65 11.98
CA LYS C 44 56.65 -18.61 12.20
C LYS C 44 55.81 -18.69 10.94
N HIS C 45 55.63 -19.91 10.43
CA HIS C 45 54.89 -20.17 9.21
C HIS C 45 53.68 -21.03 9.53
N VAL C 46 52.55 -20.69 8.90
CA VAL C 46 51.32 -21.45 9.05
C VAL C 46 50.46 -21.20 7.81
N VAL C 47 49.74 -22.24 7.38
CA VAL C 47 49.01 -22.23 6.12
C VAL C 47 47.49 -22.25 6.34
N ASP C 48 46.99 -23.13 7.21
CA ASP C 48 45.55 -23.23 7.46
C ASP C 48 45.21 -22.43 8.72
N VAL C 49 44.83 -21.18 8.51
CA VAL C 49 44.71 -20.25 9.61
C VAL C 49 43.26 -20.11 10.08
N THR C 50 42.36 -20.99 9.62
CA THR C 50 40.95 -20.78 9.87
C THR C 50 40.61 -20.85 11.35
N ASP C 51 41.33 -21.67 12.11
CA ASP C 51 41.04 -21.86 13.53
C ASP C 51 42.14 -21.28 14.41
N THR C 52 42.86 -20.29 13.90
CA THR C 52 43.81 -19.51 14.68
C THR C 52 43.12 -18.43 15.50
N VAL C 53 43.44 -18.37 16.78
CA VAL C 53 42.85 -17.43 17.70
C VAL C 53 43.90 -16.38 18.04
N ARG C 54 43.45 -15.24 18.56
CA ARG C 54 44.38 -14.24 19.09
C ARG C 54 45.42 -14.88 20.03
N LYS C 55 44.95 -15.69 21.00
CA LYS C 55 45.88 -16.29 21.96
C LYS C 55 46.95 -17.13 21.28
N ASP C 56 46.66 -17.69 20.11
CA ASP C 56 47.70 -18.35 19.34
C ASP C 56 48.74 -17.34 18.89
N VAL C 57 48.28 -16.26 18.26
CA VAL C 57 49.22 -15.27 17.72
C VAL C 57 50.05 -14.64 18.84
N GLU C 58 49.41 -14.35 19.96
CA GLU C 58 50.12 -13.63 21.02
C GLU C 58 51.26 -14.45 21.59
N GLU C 59 51.08 -15.75 21.77
CA GLU C 59 52.18 -16.55 22.30
C GLU C 59 53.15 -17.01 21.22
N TRP C 60 52.76 -17.03 19.94
CA TRP C 60 53.77 -17.24 18.90
C TRP C 60 54.65 -16.03 18.66
N GLY C 61 54.41 -14.93 19.36
CA GLY C 61 55.10 -13.69 19.15
C GLY C 61 55.68 -13.19 20.44
N PRO C 62 56.19 -11.94 20.46
CA PRO C 62 56.01 -10.82 19.53
C PRO C 62 56.57 -10.96 18.12
N PHE C 63 55.95 -10.23 17.19
CA PHE C 63 56.38 -10.18 15.81
C PHE C 63 56.66 -8.73 15.42
N ASP C 64 57.63 -8.56 14.53
CA ASP C 64 57.97 -7.25 13.99
C ASP C 64 57.55 -7.08 12.55
N LEU C 65 57.28 -8.19 11.86
CA LEU C 65 56.88 -8.17 10.46
C LEU C 65 55.87 -9.28 10.24
N VAL C 66 54.73 -8.95 9.65
CA VAL C 66 53.73 -9.93 9.27
C VAL C 66 53.60 -9.90 7.76
N TYR C 67 53.71 -11.06 7.12
CA TYR C 67 53.74 -11.17 5.67
C TYR C 67 52.70 -12.17 5.20
N GLY C 68 51.90 -11.78 4.23
CA GLY C 68 50.91 -12.67 3.66
C GLY C 68 50.90 -12.55 2.15
N ALA C 69 50.58 -13.66 1.50
CA ALA C 69 50.61 -13.68 0.05
C ALA C 69 49.59 -14.68 -0.47
N THR C 70 49.04 -14.35 -1.64
CA THR C 70 48.24 -15.28 -2.40
C THR C 70 49.04 -16.49 -2.87
N PRO C 71 48.37 -17.57 -3.22
CA PRO C 71 49.02 -18.64 -3.99
C PRO C 71 49.39 -18.14 -5.38
N PRO C 72 50.39 -18.76 -6.03
CA PRO C 72 50.80 -18.31 -7.36
C PRO C 72 49.74 -18.57 -8.42
N LEU C 73 49.86 -17.85 -9.55
CA LEU C 73 48.85 -17.94 -10.59
C LEU C 73 48.87 -19.36 -11.15
N GLY C 74 47.72 -20.03 -10.98
CA GLY C 74 47.59 -21.46 -11.10
C GLY C 74 47.18 -22.06 -9.77
N HIS C 75 47.86 -23.14 -9.36
CA HIS C 75 47.73 -23.77 -8.03
C HIS C 75 46.42 -24.50 -7.74
N THR C 76 45.39 -24.32 -8.58
CA THR C 76 44.07 -24.91 -8.32
C THR C 76 43.57 -24.48 -6.93
N CYS C 77 43.38 -23.17 -6.78
CA CYS C 77 43.02 -22.70 -5.49
C CYS C 77 41.62 -23.12 -5.11
N ASP C 78 41.57 -23.83 -4.00
CA ASP C 78 40.32 -24.25 -3.38
C ASP C 78 39.63 -23.06 -2.74
N ARG C 79 40.45 -22.08 -2.21
CA ARG C 79 39.79 -21.04 -1.48
C ARG C 79 39.59 -19.81 -2.34
N PRO C 80 38.47 -19.10 -2.11
CA PRO C 80 38.24 -17.85 -2.83
C PRO C 80 39.39 -16.88 -2.61
N PRO C 81 39.80 -16.15 -3.65
CA PRO C 81 40.99 -15.31 -3.52
C PRO C 81 40.87 -14.25 -2.43
N SER C 82 39.66 -13.74 -2.18
CA SER C 82 39.50 -12.79 -1.08
C SER C 82 39.83 -13.42 0.27
N TRP C 83 39.71 -14.74 0.39
CA TRP C 83 39.89 -15.39 1.69
C TRP C 83 41.27 -15.09 2.26
N TYR C 84 42.30 -15.12 1.41
CA TYR C 84 43.66 -14.82 1.86
C TYR C 84 43.77 -13.38 2.36
N LEU C 85 43.03 -12.45 1.76
CA LEU C 85 43.04 -11.08 2.24
C LEU C 85 42.43 -10.98 3.64
N PHE C 86 41.14 -11.36 3.78
CA PHE C 86 40.43 -11.17 5.04
C PHE C 86 41.12 -11.87 6.19
N GLN C 87 41.66 -13.08 5.95
CA GLN C 87 42.35 -13.77 7.03
C GLN C 87 43.65 -13.05 7.40
N PHE C 88 44.43 -12.60 6.40
CA PHE C 88 45.62 -11.80 6.68
C PHE C 88 45.26 -10.56 7.51
N HIS C 89 44.19 -9.87 7.13
CA HIS C 89 43.78 -8.71 7.90
C HIS C 89 43.37 -9.11 9.31
N ARG C 90 42.82 -10.32 9.48
CA ARG C 90 42.35 -10.74 10.80
C ARG C 90 43.48 -10.86 11.80
N LEU C 91 44.48 -11.66 11.45
CA LEU C 91 45.66 -11.90 12.29
C LEU C 91 46.53 -10.66 12.49
N LEU C 92 46.76 -9.92 11.42
CA LEU C 92 47.56 -8.69 11.51
C LEU C 92 47.07 -7.84 12.68
N GLN C 93 45.75 -7.78 12.88
CA GLN C 93 45.25 -7.02 14.02
C GLN C 93 45.63 -7.67 15.34
N TYR C 94 45.64 -9.00 15.40
CA TYR C 94 46.09 -9.67 16.62
C TYR C 94 47.55 -9.37 16.90
N ALA C 95 48.37 -9.25 15.84
CA ALA C 95 49.82 -9.14 16.00
C ALA C 95 50.30 -7.71 16.25
N ARG C 96 49.48 -6.68 15.98
CA ARG C 96 49.92 -5.31 16.14
C ARG C 96 50.29 -5.05 17.60
N PRO C 97 51.27 -4.19 17.86
CA PRO C 97 51.53 -3.76 19.24
C PRO C 97 50.37 -2.97 19.80
N LYS C 98 50.25 -3.02 21.13
CA LYS C 98 49.26 -2.20 21.81
C LYS C 98 49.66 -0.73 21.68
N PRO C 99 48.69 0.21 21.72
CA PRO C 99 49.04 1.64 21.59
C PRO C 99 50.08 2.13 22.57
N GLY C 100 50.06 1.65 23.81
CA GLY C 100 51.01 2.10 24.81
C GLY C 100 52.38 1.47 24.74
N SER C 101 52.70 0.74 23.68
CA SER C 101 54.02 0.13 23.49
C SER C 101 54.45 0.27 22.03
N PRO C 102 54.73 1.50 21.58
CA PRO C 102 55.05 1.71 20.16
C PRO C 102 56.48 1.35 19.77
N ARG C 103 56.65 0.18 19.15
CA ARG C 103 57.83 -0.43 18.57
C ARG C 103 57.73 -0.42 17.05
N PRO C 104 58.87 -0.41 16.34
CA PRO C 104 58.83 -0.69 14.91
C PRO C 104 58.13 -1.99 14.58
N PHE C 105 57.11 -1.91 13.72
CA PHE C 105 56.25 -3.04 13.37
C PHE C 105 55.73 -2.86 11.95
N PHE C 106 55.97 -3.87 11.10
CA PHE C 106 55.72 -3.79 9.67
C PHE C 106 54.89 -4.97 9.18
N TRP C 107 54.25 -4.77 8.03
CA TRP C 107 53.39 -5.79 7.46
C TRP C 107 53.41 -5.67 5.95
N MET C 108 53.33 -6.81 5.28
CA MET C 108 53.33 -6.83 3.83
C MET C 108 52.33 -7.85 3.32
N PHE C 109 51.57 -7.46 2.30
CA PHE C 109 50.68 -8.39 1.60
C PHE C 109 50.92 -8.24 0.10
N VAL C 110 51.13 -9.35 -0.60
CA VAL C 110 51.38 -9.37 -2.04
C VAL C 110 50.38 -10.29 -2.74
N ASP C 111 49.95 -9.90 -3.94
CA ASP C 111 49.06 -10.72 -4.76
C ASP C 111 49.71 -11.06 -6.08
N ASN C 112 49.41 -12.28 -6.56
CA ASN C 112 49.96 -12.91 -7.75
C ASN C 112 49.10 -12.67 -8.98
N LEU C 113 48.40 -11.54 -9.06
CA LEU C 113 47.37 -11.31 -10.07
C LEU C 113 46.18 -12.26 -9.90
N VAL C 114 46.03 -12.82 -8.70
CA VAL C 114 44.95 -13.74 -8.39
C VAL C 114 43.69 -13.02 -7.94
N LEU C 115 43.76 -11.71 -7.69
CA LEU C 115 42.61 -10.92 -7.24
C LEU C 115 42.04 -10.12 -8.40
N ASN C 116 40.73 -10.23 -8.60
CA ASN C 116 39.93 -9.44 -9.56
C ASN C 116 39.91 -7.97 -9.16
N LYS C 117 39.25 -7.12 -9.98
CA LYS C 117 39.22 -5.69 -9.62
C LYS C 117 38.36 -5.43 -8.38
N GLU C 118 37.25 -6.17 -8.21
CA GLU C 118 36.40 -5.93 -7.04
C GLU C 118 37.13 -6.32 -5.76
N ASP C 119 37.89 -7.40 -5.81
CA ASP C 119 38.72 -7.83 -4.69
C ASP C 119 39.84 -6.84 -4.42
N LEU C 120 40.43 -6.26 -5.47
CA LEU C 120 41.51 -5.32 -5.21
C LEU C 120 40.97 -4.04 -4.60
N ASP C 121 39.73 -3.65 -4.93
CA ASP C 121 39.22 -2.42 -4.32
C ASP C 121 38.90 -2.62 -2.85
N VAL C 122 38.49 -3.83 -2.45
CA VAL C 122 38.35 -4.12 -1.02
C VAL C 122 39.72 -4.33 -0.38
N ALA C 123 40.67 -4.87 -1.12
CA ALA C 123 42.03 -4.98 -0.60
C ALA C 123 42.57 -3.63 -0.14
N SER C 124 42.34 -2.58 -0.93
CA SER C 124 42.88 -1.28 -0.58
C SER C 124 42.00 -0.52 0.39
N ARG C 125 40.76 -0.92 0.55
CA ARG C 125 39.99 -0.34 1.63
C ARG C 125 40.40 -0.96 2.97
N PHE C 126 40.73 -2.24 2.96
CA PHE C 126 41.06 -2.90 4.21
C PHE C 126 42.49 -2.61 4.66
N LEU C 127 43.42 -2.47 3.72
CA LEU C 127 44.80 -2.15 4.07
C LEU C 127 45.14 -0.67 3.87
N GLU C 128 44.12 0.16 3.61
CA GLU C 128 44.20 1.61 3.76
C GLU C 128 45.26 2.23 2.85
N MET C 129 45.46 1.65 1.67
CA MET C 129 46.42 2.17 0.68
C MET C 129 46.21 1.44 -0.64
N GLU C 130 46.51 2.15 -1.73
CA GLU C 130 46.54 1.49 -3.03
C GLU C 130 47.78 0.61 -3.11
N PRO C 131 47.75 -0.44 -3.91
CA PRO C 131 48.95 -1.28 -4.09
C PRO C 131 49.94 -0.60 -5.03
N VAL C 132 51.14 -1.15 -5.05
CA VAL C 132 52.14 -0.73 -6.02
C VAL C 132 52.49 -1.93 -6.89
N THR C 133 52.62 -1.68 -8.20
CA THR C 133 52.77 -2.70 -9.21
C THR C 133 54.25 -2.90 -9.51
N ILE C 134 54.77 -4.08 -9.18
CA ILE C 134 56.18 -4.41 -9.40
C ILE C 134 56.23 -5.38 -10.59
N PRO C 135 56.82 -4.97 -11.73
CA PRO C 135 56.82 -5.85 -12.91
C PRO C 135 58.14 -6.60 -13.07
N ASP C 136 58.09 -7.73 -13.79
CA ASP C 136 59.27 -8.49 -14.17
C ASP C 136 59.40 -8.46 -15.69
N VAL C 137 60.50 -7.88 -16.18
CA VAL C 137 60.81 -7.91 -17.60
C VAL C 137 62.24 -7.40 -17.81
N HIS C 138 62.94 -7.99 -18.78
CA HIS C 138 64.38 -7.85 -18.89
C HIS C 138 64.79 -7.87 -20.36
N GLY C 139 65.92 -8.52 -20.68
CA GLY C 139 66.39 -8.65 -22.05
C GLY C 139 65.70 -9.72 -22.88
N GLY C 140 65.14 -10.75 -22.23
CA GLY C 140 64.31 -11.73 -22.90
C GLY C 140 62.83 -11.42 -22.73
N SER C 141 62.55 -10.43 -21.90
CA SER C 141 61.21 -9.84 -21.82
C SER C 141 60.13 -10.86 -21.44
N LEU C 142 60.46 -11.78 -20.54
CA LEU C 142 59.46 -12.59 -19.86
C LEU C 142 58.48 -11.68 -19.12
N GLN C 143 57.29 -12.20 -18.83
CA GLN C 143 56.22 -11.38 -18.27
C GLN C 143 55.62 -12.03 -17.03
N ASN C 144 55.57 -11.27 -15.95
CA ASN C 144 55.29 -11.77 -14.61
C ASN C 144 55.14 -10.55 -13.71
N ALA C 145 54.19 -10.57 -12.77
CA ALA C 145 54.00 -9.38 -11.95
C ALA C 145 53.37 -9.71 -10.60
N VAL C 146 53.61 -8.80 -9.63
CA VAL C 146 52.95 -8.82 -8.33
C VAL C 146 52.55 -7.40 -7.95
N ARG C 147 51.59 -7.30 -7.02
CA ARG C 147 51.22 -6.03 -6.42
C ARG C 147 51.30 -6.17 -4.92
N VAL C 148 51.86 -5.17 -4.24
CA VAL C 148 52.15 -5.28 -2.82
C VAL C 148 51.45 -4.16 -2.06
N TRP C 149 50.91 -4.54 -0.90
CA TRP C 149 50.49 -3.61 0.14
C TRP C 149 51.44 -3.76 1.31
N SER C 150 51.99 -2.64 1.78
CA SER C 150 52.89 -2.69 2.92
C SER C 150 53.06 -1.30 3.49
N ASN C 151 53.32 -1.24 4.79
CA ASN C 151 53.71 0.01 5.45
C ASN C 151 55.22 0.20 5.44
N ILE C 152 55.94 -0.59 4.64
CA ILE C 152 57.40 -0.56 4.59
C ILE C 152 57.84 0.56 3.68
N PRO C 153 58.85 1.35 4.08
CA PRO C 153 59.18 2.59 3.36
C PRO C 153 59.91 2.34 2.03
N ALA C 154 60.00 1.07 1.66
CA ALA C 154 60.60 0.70 0.37
C ALA C 154 59.97 1.47 -0.77
N ILE C 155 58.65 1.46 -0.84
CA ILE C 155 57.90 2.05 -1.93
C ILE C 155 58.16 3.54 -2.06
N VAL C 163 53.63 1.14 -17.03
CA VAL C 163 52.74 0.04 -16.67
C VAL C 163 51.30 0.34 -17.07
N SER C 164 50.66 -0.61 -17.72
CA SER C 164 49.25 -0.52 -18.06
C SER C 164 48.56 -1.80 -17.59
N GLU C 165 47.34 -1.67 -17.03
CA GLU C 165 46.54 -2.83 -16.68
C GLU C 165 45.89 -3.52 -17.87
N GLU C 166 45.79 -2.85 -19.02
CA GLU C 166 45.69 -3.57 -20.29
C GLU C 166 46.72 -4.70 -20.33
N GLU C 167 48.02 -4.35 -20.27
CA GLU C 167 49.09 -5.35 -20.30
C GLU C 167 48.82 -6.44 -19.24
N LEU C 168 48.66 -6.03 -17.96
CA LEU C 168 48.45 -6.99 -16.88
C LEU C 168 47.22 -7.87 -17.13
N SER C 169 46.10 -7.28 -17.51
CA SER C 169 44.85 -8.04 -17.59
C SER C 169 44.87 -9.08 -18.71
N LEU C 170 45.54 -8.79 -19.82
CA LEU C 170 45.71 -9.82 -20.85
C LEU C 170 46.90 -10.72 -20.58
N LEU C 171 47.88 -10.27 -19.79
CA LEU C 171 48.94 -11.18 -19.37
C LEU C 171 48.36 -12.38 -18.64
N ALA C 172 47.43 -12.14 -17.71
CA ALA C 172 46.95 -13.18 -16.82
C ALA C 172 46.40 -14.38 -17.58
N GLN C 173 45.80 -14.15 -18.75
CA GLN C 173 44.99 -15.17 -19.40
C GLN C 173 45.77 -16.45 -19.65
N ASN C 174 47.05 -16.33 -20.04
CA ASN C 174 47.74 -17.44 -20.69
C ASN C 174 48.26 -18.48 -19.70
N LYS C 175 48.56 -18.08 -18.46
CA LYS C 175 49.00 -19.04 -17.45
C LYS C 175 47.82 -19.82 -16.88
N TRP C 184 56.14 -19.33 -7.22
CA TRP C 184 55.96 -17.97 -6.70
C TRP C 184 57.17 -17.06 -6.96
N PRO C 185 56.92 -15.87 -7.54
CA PRO C 185 57.97 -14.88 -7.91
C PRO C 185 58.54 -14.04 -6.77
N THR C 186 59.42 -14.65 -5.99
CA THR C 186 60.09 -13.96 -4.89
C THR C 186 61.01 -12.84 -5.40
N LYS C 187 61.63 -13.02 -6.56
CA LYS C 187 62.51 -12.02 -7.18
C LYS C 187 62.05 -10.58 -6.96
N LEU C 188 60.74 -10.35 -7.04
CA LEU C 188 60.18 -9.00 -7.00
C LEU C 188 59.85 -8.55 -5.58
N VAL C 189 59.46 -9.47 -4.70
CA VAL C 189 59.17 -9.09 -3.32
C VAL C 189 60.44 -8.76 -2.55
N LYS C 190 61.56 -9.45 -2.86
CA LYS C 190 62.73 -9.44 -1.98
C LYS C 190 63.36 -8.05 -1.85
N ASN C 191 63.30 -7.23 -2.90
CA ASN C 191 63.95 -5.94 -2.87
C ASN C 191 63.22 -4.95 -1.96
N CYS C 192 61.92 -5.16 -1.74
CA CYS C 192 61.19 -4.30 -0.83
C CYS C 192 61.49 -4.61 0.63
N PHE C 193 62.13 -5.75 0.92
CA PHE C 193 62.48 -6.10 2.29
C PHE C 193 63.70 -5.37 2.79
N LEU C 194 64.52 -4.79 1.91
CA LEU C 194 65.82 -4.34 2.40
C LEU C 194 65.78 -2.96 3.05
N PRO C 195 64.77 -2.11 2.84
CA PRO C 195 64.63 -0.93 3.70
C PRO C 195 64.45 -1.27 5.18
N LEU C 196 64.16 -2.52 5.51
CA LEU C 196 64.09 -2.95 6.91
C LEU C 196 65.46 -3.17 7.53
N ARG C 197 66.54 -3.05 6.75
CA ARG C 197 67.88 -3.11 7.34
C ARG C 197 68.09 -1.97 8.32
N GLU C 198 67.35 -0.88 8.18
CA GLU C 198 67.46 0.28 9.06
C GLU C 198 66.77 0.05 10.41
N TYR C 199 66.25 -1.15 10.68
CA TYR C 199 65.57 -1.44 11.92
C TYR C 199 66.00 -2.74 12.58
N PHE C 200 66.62 -3.65 11.85
CA PHE C 200 66.94 -4.96 12.38
C PHE C 200 68.34 -5.35 11.94
N LYS C 201 68.90 -6.37 12.58
CA LYS C 201 70.29 -6.69 12.33
C LYS C 201 70.46 -7.21 10.91
N TYR C 202 71.65 -6.97 10.36
CA TYR C 202 71.99 -7.25 8.98
C TYR C 202 72.95 -8.44 8.97
N PHE C 203 72.54 -9.52 8.29
CA PHE C 203 73.32 -10.76 8.18
C PHE C 203 73.57 -11.31 9.58
N MET D 3 29.44 11.95 35.56
CA MET D 3 28.87 10.76 36.20
C MET D 3 27.51 10.40 35.57
N ARG D 4 26.73 11.40 35.20
CA ARG D 4 25.38 11.16 34.68
C ARG D 4 25.43 10.44 33.33
N ARG D 5 24.28 9.91 32.94
CA ARG D 5 24.17 9.22 31.67
C ARG D 5 23.76 10.21 30.59
N ARG D 6 24.24 9.96 29.37
CA ARG D 6 24.02 10.82 28.22
C ARG D 6 23.29 10.01 27.15
N PRO D 7 22.80 10.62 26.06
CA PRO D 7 22.08 9.83 25.05
C PRO D 7 23.02 8.94 24.26
N ILE D 8 22.45 7.90 23.71
CA ILE D 8 23.24 6.88 23.03
C ILE D 8 23.54 7.32 21.59
N ARG D 9 24.77 7.07 21.14
CA ARG D 9 25.20 7.38 19.77
C ARG D 9 25.40 6.07 19.01
N VAL D 10 24.70 5.91 17.89
CA VAL D 10 24.55 4.61 17.25
C VAL D 10 25.07 4.65 15.83
N LEU D 11 25.86 3.64 15.47
CA LEU D 11 26.14 3.33 14.09
C LEU D 11 25.36 2.07 13.72
N SER D 12 24.56 2.17 12.65
CA SER D 12 23.70 1.06 12.23
C SER D 12 23.99 0.76 10.77
N LEU D 13 24.66 -0.37 10.50
CA LEU D 13 25.01 -0.78 9.14
C LEU D 13 23.96 -1.75 8.62
N PHE D 14 23.62 -1.59 7.33
CA PHE D 14 22.54 -2.34 6.73
C PHE D 14 21.24 -2.07 7.49
N ASP D 15 20.93 -0.79 7.63
CA ASP D 15 19.89 -0.39 8.59
C ASP D 15 18.50 -0.91 8.22
N GLY D 16 18.22 -1.14 6.94
CA GLY D 16 16.90 -1.60 6.57
C GLY D 16 15.85 -0.53 6.88
N ILE D 17 14.79 -0.92 7.58
CA ILE D 17 13.72 0.05 7.86
C ILE D 17 13.83 0.56 9.29
N ALA D 18 15.06 0.71 9.76
CA ALA D 18 15.35 1.47 10.97
C ALA D 18 14.79 0.82 12.24
N THR D 19 14.58 -0.50 12.22
CA THR D 19 14.17 -1.23 13.41
C THR D 19 15.01 -0.83 14.63
N GLY D 20 16.33 -0.71 14.44
CA GLY D 20 17.19 -0.32 15.55
C GLY D 20 16.70 0.94 16.22
N TYR D 21 16.50 2.01 15.44
CA TYR D 21 16.02 3.26 16.01
C TYR D 21 14.66 3.08 16.68
N LEU D 22 13.74 2.40 15.99
CA LEU D 22 12.41 2.24 16.54
C LEU D 22 12.46 1.55 17.90
N VAL D 23 13.26 0.48 18.01
CA VAL D 23 13.31 -0.25 19.27
C VAL D 23 13.85 0.64 20.38
N LEU D 24 14.90 1.41 20.08
CA LEU D 24 15.45 2.30 21.10
C LEU D 24 14.42 3.32 21.54
N LYS D 25 13.77 3.99 20.59
CA LYS D 25 12.76 4.98 20.99
C LYS D 25 11.61 4.32 21.76
N GLU D 26 11.25 3.10 21.40
CA GLU D 26 10.22 2.39 22.15
C GLU D 26 10.68 2.03 23.57
N LEU D 27 11.99 1.95 23.82
CA LEU D 27 12.48 1.65 25.16
C LEU D 27 12.65 2.91 26.01
N GLY D 28 12.41 4.09 25.46
CA GLY D 28 12.61 5.29 26.22
C GLY D 28 14.04 5.74 26.32
N ILE D 29 14.94 5.15 25.55
CA ILE D 29 16.35 5.54 25.53
C ILE D 29 16.51 6.79 24.67
N LYS D 30 17.14 7.83 25.25
CA LYS D 30 17.43 9.03 24.48
C LYS D 30 18.48 8.74 23.41
N VAL D 31 18.17 9.06 22.17
CA VAL D 31 19.05 8.78 21.04
C VAL D 31 19.69 10.09 20.61
N GLY D 32 20.99 10.23 20.83
CA GLY D 32 21.70 11.43 20.45
C GLY D 32 22.13 11.47 19.00
N LYS D 33 22.57 10.33 18.47
CA LYS D 33 22.95 10.26 17.07
C LYS D 33 22.65 8.85 16.55
N TYR D 34 22.07 8.79 15.37
CA TYR D 34 21.78 7.50 14.73
C TYR D 34 22.23 7.61 13.29
N VAL D 35 23.39 7.05 12.99
CA VAL D 35 23.98 7.08 11.65
C VAL D 35 23.73 5.74 10.97
N ALA D 36 22.98 5.76 9.88
CA ALA D 36 22.55 4.54 9.20
C ALA D 36 23.11 4.49 7.79
N SER D 37 23.70 3.35 7.45
CA SER D 37 24.15 3.14 6.10
C SER D 37 23.19 2.15 5.45
N GLU D 38 22.61 2.54 4.33
CA GLU D 38 21.55 1.77 3.71
C GLU D 38 21.48 2.19 2.25
N VAL D 39 21.09 1.26 1.41
CA VAL D 39 21.28 1.46 -0.01
C VAL D 39 19.94 1.53 -0.72
N CYS D 40 18.92 0.87 -0.15
CA CYS D 40 17.67 0.72 -0.88
C CYS D 40 16.83 1.97 -0.66
N GLU D 41 16.30 2.58 -1.74
CA GLU D 41 15.66 3.88 -1.60
C GLU D 41 14.39 3.79 -0.77
N GLU D 42 13.61 2.73 -0.92
CA GLU D 42 12.35 2.72 -0.20
C GLU D 42 12.56 2.37 1.27
N SER D 43 13.55 1.55 1.64
CA SER D 43 13.87 1.44 3.07
C SER D 43 14.19 2.81 3.63
N ILE D 44 15.05 3.56 2.93
CA ILE D 44 15.43 4.89 3.39
C ILE D 44 14.20 5.80 3.56
N ALA D 45 13.27 5.78 2.59
CA ALA D 45 12.05 6.57 2.76
C ALA D 45 11.33 6.21 4.05
N VAL D 46 11.24 4.90 4.37
CA VAL D 46 10.56 4.50 5.60
C VAL D 46 11.24 5.12 6.81
N GLY D 47 12.56 4.91 6.95
CA GLY D 47 13.25 5.46 8.09
C GLY D 47 13.14 6.97 8.17
N THR D 48 13.29 7.65 7.02
CA THR D 48 13.18 9.11 6.94
C THR D 48 11.83 9.61 7.45
N VAL D 49 10.73 9.17 6.81
CA VAL D 49 9.39 9.65 7.12
C VAL D 49 8.95 9.22 8.52
N LYS D 50 9.21 7.96 8.88
CA LYS D 50 8.67 7.47 10.15
C LYS D 50 9.41 8.02 11.36
N HIS D 51 10.61 8.60 11.17
CA HIS D 51 11.39 9.18 12.26
C HIS D 51 11.81 10.63 11.94
N GLU D 52 11.14 11.26 10.98
CA GLU D 52 11.16 12.70 10.81
C GLU D 52 12.59 13.25 10.77
N GLY D 53 13.47 12.57 10.08
CA GLY D 53 14.79 13.14 9.85
C GLY D 53 15.78 12.98 10.98
N ASN D 54 15.47 12.20 12.02
CA ASN D 54 16.45 12.00 13.08
C ASN D 54 17.60 11.09 12.67
N ILE D 55 17.43 10.32 11.61
CA ILE D 55 18.45 9.35 11.18
C ILE D 55 19.36 10.02 10.16
N LYS D 56 20.66 9.92 10.37
CA LYS D 56 21.63 10.44 9.42
C LYS D 56 22.04 9.30 8.50
N TYR D 57 21.63 9.39 7.23
CA TYR D 57 21.90 8.37 6.21
C TYR D 57 23.21 8.66 5.50
N VAL D 58 23.98 7.60 5.23
CA VAL D 58 25.35 7.78 4.73
C VAL D 58 25.64 6.80 3.60
N ASN D 59 24.62 6.12 3.14
CA ASN D 59 24.69 5.33 1.93
C ASN D 59 25.57 4.09 2.04
N ASP D 60 26.33 3.79 0.99
CA ASP D 60 26.95 2.48 0.86
C ASP D 60 27.99 2.27 1.95
N VAL D 61 27.82 1.16 2.70
CA VAL D 61 28.77 0.83 3.76
C VAL D 61 30.20 0.81 3.24
N ARG D 62 30.39 0.45 1.98
CA ARG D 62 31.75 0.30 1.49
C ARG D 62 32.44 1.63 1.23
N ASN D 63 31.72 2.75 1.35
CA ASN D 63 32.36 4.06 1.18
C ASN D 63 32.57 4.82 2.49
N ILE D 64 32.18 4.23 3.62
CA ILE D 64 32.52 4.78 4.91
C ILE D 64 34.02 4.58 5.16
N THR D 65 34.70 5.66 5.51
CA THR D 65 36.14 5.68 5.68
C THR D 65 36.54 5.73 7.16
N LYS D 66 37.81 5.44 7.41
CA LYS D 66 38.29 5.51 8.79
C LYS D 66 38.08 6.92 9.37
N LYS D 67 38.23 7.96 8.54
CA LYS D 67 38.00 9.31 9.05
C LYS D 67 36.53 9.54 9.33
N ASN D 68 35.65 9.06 8.43
CA ASN D 68 34.21 9.13 8.66
C ASN D 68 33.85 8.63 10.06
N ILE D 69 34.39 7.47 10.45
CA ILE D 69 34.14 6.92 11.78
C ILE D 69 34.69 7.84 12.86
N GLU D 70 35.81 8.51 12.61
CA GLU D 70 36.30 9.47 13.59
C GLU D 70 35.35 10.66 13.70
N GLU D 71 34.96 11.26 12.57
CA GLU D 71 34.18 12.50 12.63
C GLU D 71 32.73 12.26 13.02
N TRP D 72 32.09 11.20 12.48
CA TRP D 72 30.70 10.92 12.84
C TRP D 72 30.58 10.43 14.26
N GLY D 73 31.62 9.82 14.80
CA GLY D 73 31.59 9.27 16.13
C GLY D 73 31.92 10.31 17.19
N PRO D 74 32.20 9.88 18.42
CA PRO D 74 32.22 8.50 18.93
C PRO D 74 30.86 7.81 18.91
N PHE D 75 30.87 6.50 18.94
CA PHE D 75 29.67 5.68 18.95
C PHE D 75 29.64 4.84 20.21
N ASP D 76 28.44 4.69 20.75
CA ASP D 76 28.21 3.84 21.91
C ASP D 76 27.70 2.45 21.51
N LEU D 77 27.12 2.33 20.33
CA LEU D 77 26.44 1.11 19.92
C LEU D 77 26.63 0.95 18.40
N VAL D 78 27.18 -0.19 17.99
CA VAL D 78 27.37 -0.49 16.58
C VAL D 78 26.57 -1.75 16.25
N ILE D 79 25.57 -1.63 15.40
CA ILE D 79 24.68 -2.74 15.12
C ILE D 79 24.62 -2.96 13.61
N GLY D 80 24.36 -4.20 13.22
CA GLY D 80 24.21 -4.47 11.82
C GLY D 80 23.66 -5.85 11.55
N GLY D 81 23.00 -5.98 10.41
CA GLY D 81 22.52 -7.27 9.93
C GLY D 81 22.71 -7.36 8.44
N SER D 82 23.68 -8.14 8.01
CA SER D 82 24.13 -8.12 6.63
C SER D 82 23.20 -8.94 5.75
N PRO D 83 23.20 -8.69 4.43
CA PRO D 83 22.28 -9.40 3.54
C PRO D 83 22.62 -10.89 3.48
N CYS D 84 21.58 -11.72 3.48
CA CYS D 84 21.75 -13.16 3.56
C CYS D 84 21.42 -13.87 2.24
N ASN D 85 21.40 -13.12 1.12
CA ASN D 85 21.14 -13.72 -0.19
C ASN D 85 22.08 -14.88 -0.48
N ASP D 86 23.35 -14.76 -0.08
CA ASP D 86 24.39 -15.72 -0.41
C ASP D 86 24.85 -16.53 0.79
N LEU D 87 24.26 -16.34 1.97
CA LEU D 87 24.62 -17.16 3.11
C LEU D 87 23.57 -18.19 3.47
N SER D 88 22.32 -17.94 3.13
CA SER D 88 21.27 -18.88 3.46
C SER D 88 21.31 -20.08 2.53
N ASN D 89 20.94 -21.26 3.06
CA ASN D 89 20.78 -22.44 2.22
C ASN D 89 19.41 -22.44 1.53
N VAL D 90 18.62 -21.39 1.75
CA VAL D 90 17.30 -21.22 1.12
C VAL D 90 17.45 -21.03 -0.37
N ASN D 91 18.58 -20.48 -0.78
CA ASN D 91 18.90 -20.22 -2.15
C ASN D 91 19.88 -21.27 -2.66
N PRO D 92 19.57 -21.98 -3.74
CA PRO D 92 20.57 -22.91 -4.29
C PRO D 92 21.83 -22.18 -4.71
N ALA D 93 21.71 -21.00 -5.31
CA ALA D 93 22.87 -20.20 -5.67
C ALA D 93 23.33 -19.43 -4.45
N ARG D 94 24.34 -19.95 -3.77
CA ARG D 94 24.92 -19.25 -2.65
C ARG D 94 26.39 -19.05 -3.00
N LYS D 95 26.83 -17.81 -3.09
CA LYS D 95 28.23 -17.56 -3.38
C LYS D 95 29.03 -17.39 -2.09
N GLY D 96 28.42 -17.73 -0.94
CA GLY D 96 29.11 -17.90 0.32
C GLY D 96 29.47 -16.62 1.06
N LEU D 97 30.20 -16.81 2.14
CA LEU D 97 30.62 -15.68 2.96
C LEU D 97 31.62 -14.80 2.22
N TYR D 98 32.31 -15.33 1.20
CA TYR D 98 33.43 -14.62 0.60
C TYR D 98 33.12 -14.06 -0.77
N GLU D 99 31.91 -14.25 -1.29
CA GLU D 99 31.58 -13.74 -2.61
C GLU D 99 30.14 -13.20 -2.63
N GLY D 100 29.82 -12.53 -3.73
CA GLY D 100 28.50 -11.93 -3.84
C GLY D 100 28.32 -10.86 -2.79
N THR D 101 27.19 -10.91 -2.10
CA THR D 101 26.93 -9.99 -1.01
C THR D 101 27.28 -10.56 0.36
N GLY D 102 27.60 -11.85 0.44
CA GLY D 102 27.98 -12.42 1.71
C GLY D 102 29.19 -11.75 2.31
N ARG D 103 30.09 -11.25 1.45
CA ARG D 103 31.30 -10.61 1.93
C ARG D 103 31.05 -9.22 2.51
N LEU D 104 29.81 -8.72 2.49
CA LEU D 104 29.54 -7.47 3.19
C LEU D 104 29.67 -7.60 4.70
N PHE D 105 29.67 -8.83 5.21
CA PHE D 105 29.90 -9.03 6.63
C PHE D 105 31.24 -8.42 7.05
N PHE D 106 32.28 -8.62 6.24
CA PHE D 106 33.58 -8.10 6.61
C PHE D 106 33.57 -6.59 6.70
N GLU D 107 32.68 -5.93 5.96
CA GLU D 107 32.56 -4.48 6.13
C GLU D 107 32.09 -4.14 7.54
N PHE D 108 31.15 -4.93 8.07
CA PHE D 108 30.76 -4.75 9.46
C PHE D 108 31.94 -5.01 10.41
N TYR D 109 32.61 -6.16 10.25
CA TYR D 109 33.81 -6.44 11.04
C TYR D 109 34.80 -5.27 10.94
N HIS D 110 35.00 -4.74 9.73
CA HIS D 110 35.96 -3.68 9.51
C HIS D 110 35.59 -2.42 10.28
N LEU D 111 34.34 -1.97 10.14
CA LEU D 111 33.97 -0.70 10.77
C LEU D 111 33.81 -0.85 12.27
N LEU D 112 33.38 -2.02 12.71
CA LEU D 112 33.35 -2.32 14.14
C LEU D 112 34.71 -2.02 14.77
N ASN D 113 35.79 -2.41 14.11
CA ASN D 113 37.10 -2.18 14.71
C ASN D 113 37.46 -0.70 14.70
N TYR D 114 37.06 0.04 13.65
CA TYR D 114 37.33 1.46 13.63
C TYR D 114 36.63 2.16 14.79
N SER D 115 35.42 1.71 15.13
CA SER D 115 34.60 2.39 16.14
C SER D 115 34.97 2.00 17.57
N ARG D 116 35.58 0.84 17.76
CA ARG D 116 35.96 0.40 19.09
C ARG D 116 36.84 1.45 19.78
N PRO D 117 36.59 1.71 21.06
CA PRO D 117 37.48 2.59 21.80
C PRO D 117 38.88 2.03 21.87
N LYS D 118 39.85 2.94 22.00
CA LYS D 118 41.24 2.57 22.24
C LYS D 118 41.34 1.93 23.63
N GLU D 119 42.43 1.22 23.88
CA GLU D 119 42.47 0.49 25.16
C GLU D 119 42.51 1.43 26.39
N GLY D 120 43.16 2.59 26.30
CA GLY D 120 43.14 3.49 27.45
C GLY D 120 41.72 3.89 27.84
N ASP D 121 40.81 3.86 26.87
CA ASP D 121 39.40 4.21 27.04
C ASP D 121 38.59 3.02 27.55
N ASP D 122 38.27 3.00 28.87
CA ASP D 122 37.38 1.99 29.43
C ASP D 122 35.93 2.44 29.35
N ARG D 123 35.60 3.21 28.32
CA ARG D 123 34.27 3.74 28.06
C ARG D 123 33.29 2.61 27.70
N PRO D 124 32.00 2.77 28.03
CA PRO D 124 31.00 1.79 27.59
C PRO D 124 30.95 1.71 26.06
N PHE D 125 30.81 0.48 25.57
CA PHE D 125 30.74 0.26 24.11
C PHE D 125 30.05 -1.07 23.85
N PHE D 126 28.97 -1.03 23.06
CA PHE D 126 28.19 -2.23 22.77
C PHE D 126 28.02 -2.42 21.28
N TRP D 127 27.91 -3.67 20.85
CA TRP D 127 27.76 -3.98 19.44
C TRP D 127 27.01 -5.29 19.30
N MET D 128 26.41 -5.48 18.12
CA MET D 128 25.62 -6.68 17.88
C MET D 128 25.51 -6.91 16.38
N PHE D 129 25.67 -8.16 15.97
CA PHE D 129 25.57 -8.55 14.57
C PHE D 129 24.61 -9.72 14.46
N GLU D 130 23.72 -9.65 13.47
CA GLU D 130 22.69 -10.66 13.28
C GLU D 130 22.81 -11.29 11.90
N ASN D 131 22.53 -12.59 11.81
CA ASN D 131 22.34 -13.23 10.52
C ASN D 131 21.50 -14.46 10.72
N VAL D 132 21.17 -15.10 9.59
CA VAL D 132 20.26 -16.24 9.60
C VAL D 132 20.95 -17.47 10.16
N VAL D 133 20.13 -18.42 10.58
CA VAL D 133 20.67 -19.68 11.06
C VAL D 133 20.96 -20.62 9.88
N ALA D 134 20.21 -20.49 8.78
CA ALA D 134 20.32 -21.41 7.65
C ALA D 134 21.59 -21.19 6.82
N MET D 135 22.75 -21.17 7.46
CA MET D 135 24.04 -21.00 6.79
C MET D 135 24.96 -22.19 7.04
N LYS D 136 26.09 -22.20 6.34
CA LYS D 136 27.01 -23.31 6.48
C LYS D 136 27.74 -23.23 7.80
N VAL D 137 28.18 -24.39 8.28
CA VAL D 137 28.89 -24.37 9.56
C VAL D 137 30.21 -23.63 9.40
N GLY D 138 30.85 -23.75 8.22
CA GLY D 138 32.07 -23.00 7.97
C GLY D 138 31.88 -21.50 8.02
N ASP D 139 30.77 -21.01 7.43
CA ASP D 139 30.48 -19.58 7.48
C ASP D 139 30.26 -19.14 8.93
N LYS D 140 29.41 -19.88 9.65
CA LYS D 140 29.20 -19.59 11.06
C LYS D 140 30.52 -19.65 11.85
N ARG D 141 31.43 -20.57 11.48
CA ARG D 141 32.71 -20.63 12.17
C ARG D 141 33.53 -19.38 11.89
N ASP D 142 33.62 -19.00 10.61
CA ASP D 142 34.48 -17.87 10.23
C ASP D 142 33.93 -16.54 10.76
N ILE D 143 32.61 -16.37 10.74
CA ILE D 143 32.05 -15.10 11.23
C ILE D 143 32.48 -14.87 12.67
N SER D 144 32.39 -15.90 13.49
CA SER D 144 32.76 -15.72 14.89
C SER D 144 34.23 -15.96 15.13
N ARG D 145 34.98 -16.33 14.11
CA ARG D 145 36.43 -16.12 14.14
C ARG D 145 36.74 -14.63 14.04
N PHE D 146 36.01 -13.92 13.18
CA PHE D 146 36.28 -12.51 12.94
C PHE D 146 35.71 -11.63 14.05
N LEU D 147 34.58 -12.00 14.64
CA LEU D 147 34.01 -11.27 15.77
C LEU D 147 34.50 -11.80 17.13
N GLU D 148 35.25 -12.90 17.16
CA GLU D 148 35.94 -13.37 18.35
C GLU D 148 34.98 -13.79 19.46
N CYS D 149 33.79 -14.24 19.11
CA CYS D 149 32.79 -14.58 20.12
C CYS D 149 31.75 -15.47 19.45
N ASN D 150 30.97 -16.18 20.25
CA ASN D 150 30.00 -17.05 19.60
C ASN D 150 28.58 -16.50 19.70
N PRO D 151 27.68 -16.93 18.81
CA PRO D 151 26.34 -16.34 18.78
C PRO D 151 25.34 -17.05 19.66
N VAL D 152 24.35 -16.28 20.10
CA VAL D 152 23.11 -16.78 20.66
C VAL D 152 22.12 -16.97 19.53
N MET D 153 21.34 -18.04 19.62
CA MET D 153 20.21 -18.25 18.73
C MET D 153 18.93 -17.81 19.45
N ILE D 154 18.17 -16.90 18.82
CA ILE D 154 16.88 -16.48 19.37
C ILE D 154 15.85 -16.63 18.26
N ASP D 155 14.83 -17.46 18.50
CA ASP D 155 13.71 -17.62 17.60
C ASP D 155 12.55 -16.73 18.06
N ALA D 156 12.07 -15.90 17.15
CA ALA D 156 11.01 -14.96 17.48
C ALA D 156 9.70 -15.65 17.88
N ILE D 157 9.56 -16.97 17.67
CA ILE D 157 8.30 -17.62 17.99
C ILE D 157 7.97 -17.54 19.47
N LYS D 158 8.98 -17.36 20.32
CA LYS D 158 8.71 -17.26 21.75
C LYS D 158 8.01 -15.95 22.10
N VAL D 159 8.11 -14.95 21.23
CA VAL D 159 7.62 -13.61 21.52
C VAL D 159 6.83 -13.02 20.35
N SER D 160 6.63 -13.77 19.27
CA SER D 160 6.01 -13.31 18.04
C SER D 160 5.01 -14.36 17.58
N ALA D 161 4.22 -14.02 16.58
CA ALA D 161 3.32 -15.02 16.03
C ALA D 161 3.96 -15.78 14.88
N ALA D 162 5.26 -15.60 14.62
CA ALA D 162 5.91 -16.27 13.51
C ALA D 162 7.21 -16.91 13.92
N HIS D 163 7.54 -18.00 13.22
CA HIS D 163 8.87 -18.57 13.27
C HIS D 163 9.86 -17.57 12.71
N ARG D 164 10.98 -17.40 13.40
CA ARG D 164 12.14 -16.71 12.86
C ARG D 164 13.35 -16.93 13.74
N ALA D 165 14.21 -17.88 13.35
CA ALA D 165 15.38 -18.22 14.13
C ALA D 165 16.58 -17.47 13.56
N ARG D 166 17.26 -16.73 14.42
CA ARG D 166 18.40 -15.94 13.97
C ARG D 166 19.56 -16.13 14.94
N TYR D 167 20.76 -15.88 14.43
CA TYR D 167 21.98 -15.85 15.24
C TYR D 167 22.30 -14.40 15.58
N PHE D 168 22.70 -14.14 16.83
CA PHE D 168 23.10 -12.81 17.27
C PHE D 168 24.45 -12.92 17.95
N TRP D 169 25.47 -12.29 17.38
CA TRP D 169 26.75 -12.09 18.05
C TRP D 169 26.76 -10.72 18.71
N GLY D 170 27.57 -10.58 19.75
CA GLY D 170 27.76 -9.27 20.32
C GLY D 170 28.22 -9.34 21.76
N ASN D 171 28.22 -8.17 22.40
CA ASN D 171 28.65 -8.03 23.78
C ASN D 171 27.61 -7.31 24.63
N LEU D 172 26.35 -7.32 24.21
CA LEU D 172 25.30 -6.68 24.99
C LEU D 172 25.09 -7.43 26.30
N PRO D 173 24.64 -6.74 27.35
CA PRO D 173 24.43 -7.41 28.64
C PRO D 173 23.27 -8.40 28.57
N GLY D 174 23.54 -9.62 29.01
CA GLY D 174 22.49 -10.59 29.20
C GLY D 174 21.95 -11.22 27.94
N MET D 175 22.74 -11.26 26.86
CA MET D 175 22.25 -11.80 25.59
C MET D 175 21.86 -13.26 25.73
N ASN D 176 22.50 -14.00 26.64
CA ASN D 176 22.28 -15.43 26.75
C ASN D 176 21.13 -15.78 27.68
N ARG D 177 20.52 -14.79 28.34
CA ARG D 177 19.45 -15.04 29.29
C ARG D 177 18.21 -15.59 28.58
N PRO D 178 17.29 -16.18 29.34
CA PRO D 178 16.08 -16.71 28.72
C PRO D 178 15.15 -15.61 28.23
N VAL D 179 14.42 -15.92 27.17
CA VAL D 179 13.49 -14.99 26.51
C VAL D 179 12.09 -15.25 27.06
N ILE D 180 11.44 -14.22 27.59
CA ILE D 180 10.09 -14.35 28.12
C ILE D 180 9.19 -13.35 27.41
N ALA D 181 7.98 -13.81 27.07
CA ALA D 181 7.03 -12.91 26.44
C ALA D 181 6.53 -11.87 27.42
N SER D 182 6.26 -10.68 26.89
CA SER D 182 5.73 -9.58 27.66
C SER D 182 4.23 -9.41 27.42
N LYS D 183 3.63 -8.54 28.24
CA LYS D 183 2.17 -8.51 28.34
C LYS D 183 1.53 -8.19 26.99
N ASN D 184 2.21 -7.38 26.17
CA ASN D 184 1.61 -6.86 24.97
C ASN D 184 2.14 -7.49 23.70
N ASP D 185 2.87 -8.60 23.81
CA ASP D 185 3.31 -9.36 22.65
C ASP D 185 2.16 -10.16 22.07
N LYS D 186 2.00 -10.09 20.76
CA LYS D 186 0.92 -10.76 20.06
C LYS D 186 1.44 -12.13 19.64
N LEU D 187 1.15 -13.13 20.46
CA LEU D 187 1.81 -14.42 20.27
C LEU D 187 1.09 -15.32 19.28
N GLU D 188 -0.18 -15.07 19.00
CA GLU D 188 -0.92 -15.91 18.07
C GLU D 188 -1.33 -15.09 16.87
N LEU D 189 -1.39 -15.76 15.72
CA LEU D 189 -1.76 -15.10 14.48
C LEU D 189 -3.10 -14.36 14.59
N GLN D 190 -4.08 -14.95 15.28
CA GLN D 190 -5.35 -14.26 15.44
C GLN D 190 -5.15 -12.88 16.04
N ASP D 191 -4.15 -12.75 16.87
CA ASP D 191 -3.88 -11.52 17.54
C ASP D 191 -3.33 -10.40 16.68
N CYS D 192 -3.08 -10.72 15.40
CA CYS D 192 -2.54 -9.75 14.46
C CYS D 192 -3.42 -9.49 13.24
N LEU D 193 -4.56 -10.18 13.13
CA LEU D 193 -5.42 -9.96 11.97
C LEU D 193 -6.40 -8.78 12.18
N GLU D 194 -6.90 -8.25 11.07
CA GLU D 194 -7.88 -7.19 11.12
C GLU D 194 -9.27 -7.78 11.42
N TYR D 195 -10.25 -6.90 11.58
CA TYR D 195 -11.60 -7.30 11.94
C TYR D 195 -12.21 -8.21 10.88
N ASN D 196 -12.99 -9.21 11.32
CA ASN D 196 -13.71 -10.12 10.43
C ASN D 196 -12.76 -11.06 9.65
N ARG D 197 -11.61 -11.39 10.21
CA ARG D 197 -10.71 -12.35 9.59
C ARG D 197 -10.37 -13.44 10.59
N ILE D 198 -10.30 -14.68 10.13
CA ILE D 198 -10.05 -15.84 10.99
C ILE D 198 -8.67 -16.40 10.67
N ALA D 199 -7.88 -16.62 11.72
CA ALA D 199 -6.60 -17.29 11.59
C ALA D 199 -6.79 -18.80 11.61
N LYS D 200 -6.17 -19.50 10.66
CA LYS D 200 -6.21 -20.96 10.67
C LYS D 200 -5.21 -21.59 11.63
N LEU D 201 -4.05 -20.96 11.81
CA LEU D 201 -2.99 -21.44 12.68
C LEU D 201 -2.72 -20.43 13.78
N LYS D 202 -2.03 -20.88 14.82
CA LYS D 202 -1.64 -19.94 15.85
C LYS D 202 -0.29 -19.28 15.57
N LYS D 203 0.62 -20.00 14.89
CA LYS D 203 1.93 -19.50 14.51
C LYS D 203 2.15 -19.75 13.03
N VAL D 204 2.88 -18.86 12.40
CA VAL D 204 3.06 -18.91 10.97
C VAL D 204 4.53 -19.17 10.66
N GLN D 205 4.79 -19.90 9.57
CA GLN D 205 6.14 -20.18 9.13
C GLN D 205 6.87 -18.88 8.74
N THR D 206 8.21 -18.97 8.78
CA THR D 206 9.09 -17.83 8.52
C THR D 206 8.71 -17.06 7.27
N ILE D 207 8.55 -15.74 7.44
CA ILE D 207 8.15 -14.84 6.38
C ILE D 207 9.40 -14.31 5.70
N THR D 208 9.48 -14.51 4.39
CA THR D 208 10.57 -14.02 3.56
C THR D 208 10.07 -12.91 2.66
N THR D 209 10.93 -12.50 1.73
CA THR D 209 10.56 -11.37 0.88
C THR D 209 9.55 -11.73 -0.18
N LYS D 210 9.35 -13.02 -0.45
CA LYS D 210 8.46 -13.47 -1.52
C LYS D 210 7.18 -14.05 -0.97
N SER D 211 6.11 -13.93 -1.76
CA SER D 211 4.75 -14.17 -1.28
C SER D 211 4.50 -15.64 -0.94
N ASN D 212 5.30 -16.57 -1.47
CA ASN D 212 5.05 -17.99 -1.21
C ASN D 212 5.33 -18.38 0.24
N SER D 213 5.99 -17.50 1.01
CA SER D 213 6.25 -17.70 2.43
C SER D 213 5.01 -17.50 3.31
N ILE D 214 3.94 -16.94 2.75
CA ILE D 214 2.73 -16.63 3.52
C ILE D 214 1.78 -17.82 3.56
N LYS D 215 1.70 -18.62 2.49
CA LYS D 215 0.86 -19.81 2.53
C LYS D 215 1.64 -21.01 3.06
N GLN D 216 1.00 -21.78 3.94
CA GLN D 216 1.70 -22.55 4.96
C GLN D 216 2.02 -23.98 4.55
N GLY D 217 3.26 -24.42 4.83
CA GLY D 217 3.66 -25.82 4.81
C GLY D 217 3.64 -26.46 3.43
N LYS D 218 3.59 -27.81 3.44
CA LYS D 218 3.47 -28.59 2.20
C LYS D 218 2.18 -28.27 1.44
N ASN D 219 1.09 -28.09 2.16
CA ASN D 219 -0.20 -27.80 1.54
C ASN D 219 -0.20 -26.48 0.78
N GLN D 220 0.67 -25.54 1.14
CA GLN D 220 0.68 -24.20 0.55
C GLN D 220 -0.68 -23.53 0.70
N LEU D 221 -1.23 -23.61 1.92
CA LEU D 221 -2.56 -23.12 2.24
C LEU D 221 -2.54 -21.64 2.64
N PHE D 222 -3.52 -20.90 2.12
CA PHE D 222 -3.76 -19.53 2.56
C PHE D 222 -3.99 -19.52 4.08
N PRO D 223 -3.39 -18.58 4.81
CA PRO D 223 -3.42 -18.65 6.27
C PRO D 223 -4.68 -18.08 6.94
N VAL D 224 -5.56 -17.45 6.19
CA VAL D 224 -6.66 -16.67 6.75
C VAL D 224 -7.95 -17.09 6.06
N VAL D 225 -9.06 -17.00 6.78
CA VAL D 225 -10.38 -17.13 6.17
C VAL D 225 -11.08 -15.80 6.40
N MET D 226 -11.66 -15.24 5.33
CA MET D 226 -12.48 -14.02 5.40
C MET D 226 -13.74 -14.23 4.58
N ASN D 227 -14.90 -13.93 5.17
CA ASN D 227 -16.19 -14.15 4.50
C ASN D 227 -16.26 -15.55 3.88
N GLY D 228 -15.68 -16.53 4.54
CA GLY D 228 -15.76 -17.88 4.06
C GLY D 228 -14.73 -18.28 3.02
N LYS D 229 -14.06 -17.34 2.36
CA LYS D 229 -13.04 -17.76 1.42
C LYS D 229 -11.69 -17.49 2.05
N GLU D 230 -10.70 -18.28 1.61
CA GLU D 230 -9.34 -18.13 2.09
C GLU D 230 -8.67 -16.92 1.47
N ASP D 231 -7.71 -16.39 2.19
CA ASP D 231 -6.99 -15.21 1.81
C ASP D 231 -5.60 -15.29 2.34
N VAL D 232 -4.71 -14.51 1.74
CA VAL D 232 -3.36 -14.36 2.30
C VAL D 232 -3.35 -13.27 3.36
N LEU D 233 -2.20 -13.06 4.01
CA LEU D 233 -2.11 -12.00 5.01
C LEU D 233 -2.04 -10.63 4.34
N TRP D 234 -2.51 -9.60 5.07
CA TRP D 234 -2.47 -8.20 4.67
C TRP D 234 -1.23 -7.50 5.25
N CYS D 235 -0.81 -6.41 4.61
CA CYS D 235 0.42 -5.71 4.99
C CYS D 235 0.35 -5.25 6.46
N THR D 236 -0.79 -4.71 6.90
CA THR D 236 -0.91 -4.37 8.33
C THR D 236 -0.77 -5.61 9.20
N GLU D 237 -1.32 -6.74 8.77
CA GLU D 237 -1.12 -7.95 9.56
C GLU D 237 0.35 -8.39 9.52
N LEU D 238 1.06 -8.22 8.41
CA LEU D 238 2.50 -8.53 8.43
C LEU D 238 3.23 -7.61 9.40
N GLU D 239 2.91 -6.32 9.37
CA GLU D 239 3.54 -5.41 10.31
C GLU D 239 3.32 -5.88 11.74
N ARG D 240 2.10 -6.37 12.03
CA ARG D 240 1.78 -6.77 13.39
C ARG D 240 2.53 -8.03 13.80
N ILE D 241 2.65 -8.99 12.88
CA ILE D 241 3.41 -10.21 13.20
C ILE D 241 4.85 -9.85 13.56
N PHE D 242 5.49 -9.00 12.75
CA PHE D 242 6.87 -8.64 13.02
C PHE D 242 7.01 -7.69 14.20
N GLY D 243 5.92 -7.15 14.71
CA GLY D 243 5.98 -6.22 15.84
C GLY D 243 6.17 -4.77 15.48
N PHE D 244 6.00 -4.41 14.22
CA PHE D 244 6.09 -3.00 13.88
C PHE D 244 4.75 -2.30 14.11
N PRO D 245 4.81 -0.99 14.31
CA PRO D 245 3.56 -0.21 14.35
C PRO D 245 2.78 -0.41 13.07
N VAL D 246 1.46 -0.47 13.20
CA VAL D 246 0.62 -0.58 12.01
C VAL D 246 0.92 0.58 11.08
N HIS D 247 0.96 0.27 9.77
CA HIS D 247 1.22 1.24 8.71
C HIS D 247 2.68 1.75 8.71
N TYR D 248 3.58 1.05 9.40
CA TYR D 248 4.97 1.48 9.40
C TYR D 248 5.53 1.57 8.00
N THR D 249 5.11 0.66 7.10
CA THR D 249 5.60 0.62 5.73
C THR D 249 4.59 1.20 4.75
N ASP D 250 3.53 1.84 5.24
CA ASP D 250 2.57 2.46 4.33
C ASP D 250 3.14 3.79 3.84
N VAL D 251 4.15 3.67 2.97
CA VAL D 251 4.99 4.79 2.57
C VAL D 251 5.34 4.69 1.08
N SER D 252 5.54 5.85 0.46
CA SER D 252 6.18 5.92 -0.85
C SER D 252 5.44 5.11 -1.90
N ASN D 253 4.12 5.07 -1.82
CA ASN D 253 3.28 4.32 -2.75
C ASN D 253 3.63 2.82 -2.84
N MET D 254 4.38 2.25 -1.88
CA MET D 254 4.67 0.82 -1.95
C MET D 254 3.40 -0.02 -1.87
N GLY D 255 3.34 -1.11 -2.65
CA GLY D 255 2.26 -2.08 -2.58
C GLY D 255 2.60 -3.35 -1.81
N ARG D 256 1.75 -4.38 -2.00
CA ARG D 256 1.93 -5.64 -1.28
C ARG D 256 3.34 -6.18 -1.44
N GLY D 257 3.82 -6.24 -2.67
CA GLY D 257 5.14 -6.83 -2.88
C GLY D 257 6.25 -6.04 -2.21
N ALA D 258 6.32 -4.73 -2.48
CA ALA D 258 7.39 -3.92 -1.90
C ALA D 258 7.39 -4.02 -0.39
N ARG D 259 6.21 -3.90 0.20
CA ARG D 259 6.16 -3.90 1.66
C ARG D 259 6.56 -5.28 2.20
N GLN D 260 6.17 -6.36 1.53
CA GLN D 260 6.61 -7.67 2.03
C GLN D 260 8.10 -7.82 1.94
N LYS D 261 8.72 -7.26 0.90
CA LYS D 261 10.17 -7.31 0.78
C LYS D 261 10.83 -6.64 1.98
N LEU D 262 10.45 -5.39 2.29
CA LEU D 262 11.05 -4.70 3.44
C LEU D 262 10.80 -5.47 4.74
N LEU D 263 9.58 -5.99 4.93
CA LEU D 263 9.28 -6.65 6.18
C LEU D 263 9.92 -8.02 6.26
N GLY D 264 9.98 -8.72 5.14
CA GLY D 264 10.54 -10.06 5.14
C GLY D 264 12.01 -10.10 5.47
N ARG D 265 12.77 -9.04 5.15
CA ARG D 265 14.17 -9.07 5.54
C ARG D 265 14.45 -8.34 6.85
N SER D 266 13.42 -7.93 7.57
CA SER D 266 13.59 -7.13 8.77
C SER D 266 13.90 -7.98 10.01
N TRP D 267 14.21 -7.29 11.09
CA TRP D 267 14.32 -7.92 12.40
C TRP D 267 12.95 -8.01 13.06
N SER D 268 12.80 -9.01 13.92
CA SER D 268 11.61 -9.08 14.74
C SER D 268 11.74 -8.07 15.87
N VAL D 269 10.87 -7.05 15.86
CA VAL D 269 10.93 -6.00 16.87
C VAL D 269 11.01 -6.54 18.30
N PRO D 270 10.16 -7.47 18.73
CA PRO D 270 10.26 -7.93 20.12
C PRO D 270 11.56 -8.66 20.45
N VAL D 271 12.22 -9.29 19.48
CA VAL D 271 13.54 -9.88 19.74
C VAL D 271 14.57 -8.76 19.94
N ILE D 272 14.55 -7.72 19.10
CA ILE D 272 15.51 -6.66 19.30
C ILE D 272 15.27 -5.93 20.60
N ARG D 273 14.00 -5.69 20.95
CA ARG D 273 13.68 -5.09 22.25
C ARG D 273 14.31 -5.88 23.41
N HIS D 274 14.14 -7.20 23.40
CA HIS D 274 14.77 -8.05 24.40
C HIS D 274 16.28 -7.84 24.44
N LEU D 275 16.92 -7.78 23.29
CA LEU D 275 18.37 -7.63 23.28
C LEU D 275 18.79 -6.23 23.69
N PHE D 276 18.05 -5.21 23.27
CA PHE D 276 18.47 -3.85 23.56
C PHE D 276 18.09 -3.41 24.98
N ALA D 277 17.15 -4.10 25.63
CA ALA D 277 16.62 -3.62 26.90
C ALA D 277 17.65 -3.39 28.00
N PRO D 278 18.67 -4.24 28.20
CA PRO D 278 19.69 -3.92 29.23
C PRO D 278 20.44 -2.61 28.98
N LEU D 279 20.28 -1.96 27.83
CA LEU D 279 20.99 -0.70 27.59
C LEU D 279 20.39 0.46 28.34
N LYS D 280 19.17 0.31 28.88
CA LYS D 280 18.51 1.40 29.59
C LYS D 280 19.35 1.90 30.76
N ASP D 281 20.16 1.05 31.36
CA ASP D 281 20.90 1.43 32.55
C ASP D 281 22.27 2.01 32.24
N TYR D 282 22.59 2.23 30.95
CA TYR D 282 23.87 2.80 30.57
C TYR D 282 23.74 4.15 29.87
N PHE D 283 22.51 4.57 29.53
CA PHE D 283 22.29 5.77 28.73
C PHE D 283 21.06 6.52 29.25
N ALA D 284 20.93 7.74 28.75
CA ALA D 284 19.84 8.61 29.18
C ALA D 284 18.47 8.07 28.74
N CYS D 285 17.47 8.35 29.55
CA CYS D 285 16.13 7.89 29.29
C CYS D 285 15.15 9.04 29.40
N GLU D 286 14.12 9.03 28.56
CA GLU D 286 13.00 9.97 28.67
C GLU D 286 11.96 9.40 29.62
#